data_1N13
#
_entry.id   1N13
#
_cell.length_a   56.460
_cell.length_b   92.880
_cell.length_c   87.110
_cell.angle_alpha   90.00
_cell.angle_beta   94.74
_cell.angle_gamma   90.00
#
_symmetry.space_group_name_H-M   'P 1 21 1'
#
loop_
_entity.id
_entity.type
_entity.pdbx_description
1 polymer 'Pyruvoyl-dependent arginine decarboxylase beta chain'
2 polymer 'Pyruvoyl-dependent arginine decarboxylase alpha chain'
3 non-polymer AGMATINE
4 non-polymer (4R)-2-METHYLPENTANE-2,4-DIOL
5 water water
#
loop_
_entity_poly.entity_id
_entity_poly.type
_entity_poly.pdbx_seq_one_letter_code
_entity_poly.pdbx_strand_id
1 'polypeptide(L)' MNAEINPLHAYFKLPNTVSLVAGSSEGETPLNAFDGALLNAGIGNVNLIRIS A,C,E,G,I,K
2 'polypeptide(L)'
;(PYR)IMPPEAEIVPLPKLPMGALVPTAYGYIISDVPGETISAAISVAIPKDKSLCGLIMEYEGKCSKKEAEKTVREMAK
IGFEMRGWELDRIESIAVEHTVEKLGCAFAAAALWYK
;
B,D,F,H,J,L
#
loop_
_chem_comp.id
_chem_comp.type
_chem_comp.name
_chem_comp.formula
AG2 non-polymer AGMATINE 'C5 H14 N4'
MRD non-polymer (4R)-2-METHYLPENTANE-2,4-DIOL 'C6 H14 O2'
PYR non-polymer 'PYRUVIC ACID' 'C3 H4 O3'
#
# COMPACT_ATOMS: atom_id res chain seq x y z
N PRO A 7 -26.27 -4.47 -11.26
CA PRO A 7 -26.44 -4.68 -12.71
C PRO A 7 -27.32 -5.88 -13.02
N LEU A 8 -28.01 -5.82 -14.15
CA LEU A 8 -28.90 -6.88 -14.60
C LEU A 8 -28.15 -8.02 -15.28
N HIS A 9 -26.89 -7.75 -15.63
CA HIS A 9 -26.05 -8.75 -16.28
C HIS A 9 -24.70 -8.76 -15.58
N ALA A 10 -24.50 -9.78 -14.75
CA ALA A 10 -23.26 -9.93 -13.99
C ALA A 10 -22.03 -9.81 -14.88
N TYR A 11 -21.10 -8.94 -14.48
N TYR A 11 -21.10 -8.95 -14.46
CA TYR A 11 -19.89 -8.73 -15.25
CA TYR A 11 -19.88 -8.69 -15.19
C TYR A 11 -18.71 -9.43 -14.57
C TYR A 11 -18.70 -9.44 -14.56
N PHE A 12 -18.03 -10.28 -15.34
CA PHE A 12 -16.89 -11.02 -14.84
C PHE A 12 -15.78 -10.04 -14.52
N LYS A 13 -15.16 -10.23 -13.35
CA LYS A 13 -14.08 -9.35 -12.95
C LYS A 13 -13.10 -10.04 -12.03
N LEU A 14 -11.87 -9.55 -12.06
CA LEU A 14 -10.80 -10.05 -11.20
C LEU A 14 -10.92 -9.26 -9.91
N PRO A 15 -10.33 -9.76 -8.81
CA PRO A 15 -10.40 -9.02 -7.55
C PRO A 15 -9.85 -7.62 -7.74
N ASN A 16 -10.50 -6.63 -7.13
CA ASN A 16 -10.05 -5.26 -7.26
C ASN A 16 -9.66 -4.61 -5.93
N THR A 17 -9.63 -5.42 -4.87
CA THR A 17 -9.23 -4.93 -3.56
C THR A 17 -8.27 -5.94 -2.94
N VAL A 18 -7.32 -5.43 -2.18
CA VAL A 18 -6.35 -6.26 -1.47
C VAL A 18 -6.28 -5.68 -0.07
N SER A 19 -6.40 -6.53 0.94
CA SER A 19 -6.36 -6.07 2.33
C SER A 19 -5.34 -6.88 3.11
N LEU A 20 -4.45 -6.18 3.80
CA LEU A 20 -3.43 -6.83 4.61
C LEU A 20 -3.90 -7.00 6.04
N VAL A 21 -3.85 -8.23 6.53
CA VAL A 21 -4.27 -8.53 7.89
C VAL A 21 -3.26 -9.46 8.53
N ALA A 22 -3.25 -9.49 9.86
CA ALA A 22 -2.33 -10.36 10.58
C ALA A 22 -2.87 -10.61 11.97
N GLY A 23 -2.50 -11.75 12.54
CA GLY A 23 -2.96 -12.07 13.87
C GLY A 23 -2.23 -13.27 14.43
N SER A 24 -2.42 -13.53 15.72
CA SER A 24 -1.79 -14.66 16.34
C SER A 24 -2.69 -15.18 17.44
N SER A 25 -2.44 -16.41 17.87
CA SER A 25 -3.26 -17.01 18.91
C SER A 25 -2.72 -18.33 19.39
N GLU A 26 -3.04 -18.64 20.64
CA GLU A 26 -2.67 -19.92 21.23
C GLU A 26 -3.79 -20.86 20.83
N GLY A 27 -3.57 -22.16 20.97
CA GLY A 27 -4.61 -23.12 20.64
C GLY A 27 -4.33 -24.49 21.23
N GLU A 28 -5.39 -25.28 21.43
CA GLU A 28 -5.24 -26.61 21.98
C GLU A 28 -4.64 -27.58 20.96
N THR A 29 -4.79 -27.25 19.69
CA THR A 29 -4.24 -28.04 18.59
C THR A 29 -3.78 -27.05 17.53
N PRO A 30 -2.89 -27.49 16.61
CA PRO A 30 -2.39 -26.60 15.55
C PRO A 30 -3.52 -25.93 14.76
N LEU A 31 -4.53 -26.70 14.38
CA LEU A 31 -5.64 -26.16 13.61
C LEU A 31 -6.48 -25.17 14.41
N ASN A 32 -6.63 -25.41 15.71
CA ASN A 32 -7.37 -24.48 16.56
C ASN A 32 -6.59 -23.19 16.76
N ALA A 33 -5.27 -23.30 16.83
CA ALA A 33 -4.41 -22.14 16.99
C ALA A 33 -4.48 -21.29 15.72
N PHE A 34 -4.49 -21.97 14.57
CA PHE A 34 -4.57 -21.33 13.27
C PHE A 34 -5.92 -20.60 13.16
N ASP A 35 -6.99 -21.28 13.56
CA ASP A 35 -8.33 -20.71 13.54
C ASP A 35 -8.35 -19.46 14.43
N GLY A 36 -7.73 -19.56 15.61
CA GLY A 36 -7.66 -18.43 16.51
C GLY A 36 -6.90 -17.25 15.91
N ALA A 37 -5.82 -17.55 15.16
CA ALA A 37 -5.02 -16.51 14.54
C ALA A 37 -5.84 -15.79 13.46
N LEU A 38 -6.59 -16.55 12.68
CA LEU A 38 -7.45 -15.97 11.65
C LEU A 38 -8.52 -15.09 12.29
N LEU A 39 -9.06 -15.54 13.41
CA LEU A 39 -10.08 -14.78 14.14
C LEU A 39 -9.48 -13.46 14.62
N ASN A 40 -8.26 -13.53 15.17
CA ASN A 40 -7.56 -12.35 15.66
C ASN A 40 -7.26 -11.39 14.51
N ALA A 41 -7.04 -11.95 13.32
CA ALA A 41 -6.76 -11.15 12.12
C ALA A 41 -8.01 -10.53 11.50
N GLY A 42 -9.18 -11.02 11.91
CA GLY A 42 -10.43 -10.51 11.36
C GLY A 42 -11.02 -11.27 10.19
N ILE A 43 -10.46 -12.43 9.85
CA ILE A 43 -10.97 -13.24 8.74
C ILE A 43 -11.21 -14.68 9.17
N GLY A 44 -11.64 -14.86 10.41
CA GLY A 44 -11.89 -16.19 10.93
C GLY A 44 -13.17 -16.88 10.49
N ASN A 45 -14.13 -16.10 10.00
CA ASN A 45 -15.40 -16.69 9.59
C ASN A 45 -15.66 -16.75 8.10
N VAL A 46 -14.58 -16.74 7.33
CA VAL A 46 -14.66 -16.87 5.88
C VAL A 46 -13.76 -18.01 5.46
N ASN A 47 -13.97 -18.49 4.24
CA ASN A 47 -13.17 -19.57 3.68
C ASN A 47 -12.01 -19.01 2.91
N LEU A 48 -10.80 -19.30 3.36
CA LEU A 48 -9.63 -18.82 2.65
C LEU A 48 -9.28 -19.79 1.53
N ILE A 49 -9.13 -19.24 0.33
CA ILE A 49 -8.74 -20.04 -0.83
C ILE A 49 -7.30 -19.59 -1.04
N ARG A 50 -6.35 -20.37 -0.53
CA ARG A 50 -4.94 -19.99 -0.64
C ARG A 50 -4.44 -19.85 -2.07
N ILE A 51 -3.87 -18.70 -2.38
CA ILE A 51 -3.33 -18.46 -3.70
C ILE A 51 -1.83 -18.66 -3.66
N SER A 52 -1.29 -19.18 -4.75
CA SER A 52 0.15 -19.43 -4.83
C SER A 52 0.78 -18.88 -6.11
C PYR B 1 0.61 -12.79 -5.84
O PYR B 1 1.66 -12.18 -5.96
CA PYR B 1 0.51 -13.89 -4.95
O3 PYR B 1 1.52 -14.19 -4.31
CB PYR B 1 -0.67 -14.76 -4.66
N ILE B 2 -0.49 -12.48 -6.54
CA ILE B 2 -0.52 -11.38 -7.48
C ILE B 2 -1.68 -10.41 -7.29
N MET B 3 -1.37 -9.13 -7.14
N MET B 3 -1.36 -9.13 -7.16
CA MET B 3 -2.39 -8.10 -6.99
CA MET B 3 -2.36 -8.09 -7.01
C MET B 3 -2.74 -7.65 -8.41
C MET B 3 -2.74 -7.64 -8.42
N PRO B 4 -4.00 -7.87 -8.84
CA PRO B 4 -4.44 -7.47 -10.17
C PRO B 4 -4.21 -6.00 -10.49
N PRO B 5 -3.92 -5.69 -11.76
CA PRO B 5 -3.69 -4.30 -12.17
C PRO B 5 -4.93 -3.49 -11.79
N GLU B 6 -4.75 -2.24 -11.39
CA GLU B 6 -5.86 -1.37 -11.01
C GLU B 6 -6.54 -1.72 -9.67
N ALA B 7 -6.12 -2.82 -9.04
CA ALA B 7 -6.68 -3.20 -7.75
C ALA B 7 -6.14 -2.19 -6.73
N GLU B 8 -6.86 -2.03 -5.63
CA GLU B 8 -6.45 -1.06 -4.60
C GLU B 8 -6.27 -1.70 -3.23
N ILE B 9 -5.28 -1.24 -2.49
CA ILE B 9 -5.06 -1.74 -1.14
C ILE B 9 -6.02 -0.95 -0.27
N VAL B 10 -6.93 -1.66 0.38
CA VAL B 10 -7.95 -1.05 1.22
C VAL B 10 -8.12 -1.78 2.54
N PRO B 11 -8.77 -1.14 3.53
CA PRO B 11 -8.95 -1.84 4.80
C PRO B 11 -9.89 -3.02 4.57
N LEU B 12 -9.71 -4.10 5.33
CA LEU B 12 -10.54 -5.29 5.19
C LEU B 12 -12.03 -4.94 5.11
N PRO B 13 -12.68 -5.31 3.99
CA PRO B 13 -14.11 -5.05 3.79
C PRO B 13 -14.94 -5.96 4.67
N LYS B 14 -16.25 -5.72 4.67
CA LYS B 14 -17.18 -6.55 5.44
C LYS B 14 -17.40 -7.76 4.55
N LEU B 15 -16.82 -8.89 4.94
CA LEU B 15 -16.93 -10.12 4.16
C LEU B 15 -18.08 -10.99 4.64
N PRO B 16 -18.91 -11.47 3.70
CA PRO B 16 -20.03 -12.32 4.09
C PRO B 16 -19.47 -13.61 4.70
N MET B 17 -20.08 -14.08 5.79
N MET B 17 -20.07 -14.08 5.79
CA MET B 17 -19.62 -15.30 6.43
CA MET B 17 -19.61 -15.30 6.45
C MET B 17 -19.65 -16.46 5.45
C MET B 17 -19.66 -16.48 5.49
N GLY B 18 -18.56 -17.21 5.40
CA GLY B 18 -18.47 -18.35 4.51
C GLY B 18 -18.02 -18.04 3.09
N ALA B 19 -17.75 -16.76 2.81
CA ALA B 19 -17.29 -16.35 1.47
C ALA B 19 -15.98 -17.05 1.12
N LEU B 20 -15.81 -17.37 -0.16
CA LEU B 20 -14.59 -18.03 -0.63
C LEU B 20 -13.65 -16.91 -1.03
N VAL B 21 -12.78 -16.52 -0.10
CA VAL B 21 -11.88 -15.41 -0.32
C VAL B 21 -10.47 -15.80 -0.75
N PRO B 22 -10.06 -15.40 -1.98
CA PRO B 22 -8.73 -15.72 -2.49
C PRO B 22 -7.76 -14.99 -1.58
N THR B 23 -6.84 -15.72 -0.95
CA THR B 23 -5.93 -15.11 0.01
C THR B 23 -4.51 -15.66 -0.07
N ALA B 24 -3.53 -14.76 -0.05
CA ALA B 24 -2.14 -15.17 -0.02
C ALA B 24 -1.80 -15.06 1.46
N TYR B 25 -1.20 -16.08 2.03
CA TYR B 25 -0.85 -16.01 3.44
C TYR B 25 0.35 -16.85 3.84
N GLY B 26 0.93 -16.47 4.97
CA GLY B 26 2.06 -17.18 5.52
C GLY B 26 1.72 -17.40 6.98
N TYR B 27 2.07 -18.56 7.51
CA TYR B 27 1.79 -18.86 8.91
C TYR B 27 2.82 -19.83 9.46
N ILE B 28 2.93 -19.85 10.79
CA ILE B 28 3.85 -20.74 11.45
C ILE B 28 3.24 -21.15 12.79
N ILE B 29 3.38 -22.43 13.13
CA ILE B 29 2.85 -22.94 14.38
C ILE B 29 3.99 -23.58 15.16
N SER B 30 4.02 -23.34 16.47
CA SER B 30 5.07 -23.89 17.32
C SER B 30 4.52 -24.31 18.67
N ASP B 31 5.10 -25.38 19.22
CA ASP B 31 4.70 -25.89 20.53
C ASP B 31 5.86 -25.78 21.52
N VAL B 32 6.82 -24.90 21.20
CA VAL B 32 7.99 -24.68 22.05
C VAL B 32 7.75 -23.48 22.95
N PRO B 33 7.49 -23.72 24.25
CA PRO B 33 7.25 -22.64 25.21
C PRO B 33 8.36 -21.58 25.18
N GLY B 34 7.94 -20.32 25.08
CA GLY B 34 8.89 -19.23 25.04
C GLY B 34 9.43 -18.86 23.67
N GLU B 35 9.18 -19.71 22.67
CA GLU B 35 9.65 -19.46 21.32
C GLU B 35 8.88 -18.34 20.61
N THR B 36 9.62 -17.44 19.98
CA THR B 36 9.01 -16.33 19.25
C THR B 36 8.87 -16.70 17.78
N ILE B 37 7.65 -16.62 17.27
CA ILE B 37 7.36 -16.93 15.88
C ILE B 37 6.71 -15.72 15.22
N SER B 38 6.98 -15.53 13.93
N SER B 38 6.97 -15.54 13.94
CA SER B 38 6.42 -14.40 13.20
CA SER B 38 6.43 -14.40 13.20
C SER B 38 5.99 -14.77 11.80
C SER B 38 5.99 -14.76 11.79
N ALA B 39 5.11 -13.94 11.23
CA ALA B 39 4.61 -14.13 9.88
C ALA B 39 4.49 -12.73 9.30
N ALA B 40 4.72 -12.60 8.00
CA ALA B 40 4.65 -11.28 7.36
C ALA B 40 4.22 -11.37 5.91
N ILE B 41 3.68 -10.26 5.42
CA ILE B 41 3.21 -10.17 4.04
C ILE B 41 3.66 -8.83 3.46
N SER B 42 4.01 -8.82 2.18
CA SER B 42 4.41 -7.61 1.50
C SER B 42 3.77 -7.58 0.12
N VAL B 43 3.52 -6.38 -0.37
CA VAL B 43 2.93 -6.19 -1.69
C VAL B 43 3.76 -5.13 -2.41
N ALA B 44 4.46 -5.56 -3.46
CA ALA B 44 5.27 -4.65 -4.26
C ALA B 44 4.34 -4.05 -5.31
N ILE B 45 4.26 -2.72 -5.32
CA ILE B 45 3.38 -1.99 -6.24
C ILE B 45 4.21 -1.42 -7.40
N PRO B 46 3.74 -1.64 -8.64
CA PRO B 46 4.43 -1.14 -9.84
C PRO B 46 4.23 0.35 -10.11
N LYS B 47 5.22 0.95 -10.76
CA LYS B 47 5.17 2.35 -11.14
C LYS B 47 4.18 2.41 -12.31
N ASP B 48 4.29 1.42 -13.20
CA ASP B 48 3.41 1.29 -14.37
C ASP B 48 2.14 0.57 -13.90
N LYS B 49 1.03 1.30 -13.88
CA LYS B 49 -0.24 0.77 -13.43
C LYS B 49 -0.87 -0.30 -14.32
N SER B 50 -0.31 -0.52 -15.50
CA SER B 50 -0.81 -1.55 -16.40
C SER B 50 -0.30 -2.91 -15.92
N LEU B 51 0.73 -2.88 -15.07
CA LEU B 51 1.32 -4.09 -14.52
C LEU B 51 0.68 -4.47 -13.19
N CYS B 52 0.97 -5.67 -12.72
CA CYS B 52 0.40 -6.15 -11.46
C CYS B 52 1.34 -5.98 -10.27
N GLY B 53 0.78 -6.13 -9.07
CA GLY B 53 1.57 -6.04 -7.86
C GLY B 53 2.00 -7.44 -7.47
N LEU B 54 3.08 -7.55 -6.70
CA LEU B 54 3.57 -8.86 -6.28
C LEU B 54 3.43 -9.04 -4.77
N ILE B 55 2.74 -10.10 -4.38
CA ILE B 55 2.53 -10.40 -2.97
C ILE B 55 3.49 -11.51 -2.54
N MET B 56 4.18 -11.26 -1.44
CA MET B 56 5.13 -12.22 -0.89
C MET B 56 4.77 -12.49 0.56
N GLU B 57 4.99 -13.73 1.00
CA GLU B 57 4.72 -14.12 2.37
C GLU B 57 5.95 -14.75 2.99
N TYR B 58 6.10 -14.57 4.29
CA TYR B 58 7.23 -15.11 5.01
C TYR B 58 6.80 -15.49 6.42
N GLU B 59 7.42 -16.55 6.93
CA GLU B 59 7.14 -17.04 8.28
C GLU B 59 8.44 -17.64 8.82
N GLY B 60 8.64 -17.55 10.13
CA GLY B 60 9.84 -18.12 10.72
C GLY B 60 9.95 -17.92 12.20
N LYS B 61 10.95 -18.57 12.78
CA LYS B 61 11.20 -18.47 14.21
C LYS B 61 12.11 -17.25 14.37
N CYS B 62 11.50 -16.08 14.33
CA CYS B 62 12.20 -14.81 14.44
C CYS B 62 11.25 -13.73 14.95
N SER B 63 11.75 -12.50 15.04
CA SER B 63 10.97 -11.38 15.49
C SER B 63 10.15 -10.78 14.34
N LYS B 64 9.20 -9.93 14.70
CA LYS B 64 8.33 -9.25 13.74
C LYS B 64 9.16 -8.36 12.81
N LYS B 65 10.16 -7.68 13.37
CA LYS B 65 11.01 -6.80 12.58
C LYS B 65 11.81 -7.56 11.53
N GLU B 66 12.35 -8.72 11.90
CA GLU B 66 13.11 -9.52 10.95
C GLU B 66 12.22 -10.10 9.85
N ALA B 67 11.03 -10.55 10.25
CA ALA B 67 10.09 -11.12 9.29
C ALA B 67 9.66 -10.08 8.26
N GLU B 68 9.34 -8.89 8.72
CA GLU B 68 8.91 -7.82 7.81
C GLU B 68 10.04 -7.37 6.88
N LYS B 69 11.25 -7.30 7.40
CA LYS B 69 12.41 -6.90 6.59
C LYS B 69 12.65 -7.92 5.48
N THR B 70 12.56 -9.20 5.84
CA THR B 70 12.79 -10.28 4.89
C THR B 70 11.72 -10.33 3.80
N VAL B 71 10.45 -10.23 4.19
CA VAL B 71 9.37 -10.29 3.21
C VAL B 71 9.37 -9.09 2.25
N ARG B 72 9.79 -7.93 2.74
CA ARG B 72 9.84 -6.74 1.88
C ARG B 72 10.95 -6.94 0.86
N GLU B 73 12.07 -7.52 1.29
CA GLU B 73 13.20 -7.78 0.40
C GLU B 73 12.78 -8.81 -0.66
N MET B 74 11.97 -9.78 -0.26
CA MET B 74 11.51 -10.81 -1.19
C MET B 74 10.66 -10.22 -2.32
N ALA B 75 9.84 -9.23 -1.98
CA ALA B 75 8.99 -8.56 -2.97
C ALA B 75 9.86 -7.74 -3.94
N LYS B 76 10.85 -7.05 -3.38
CA LYS B 76 11.78 -6.24 -4.16
C LYS B 76 12.48 -7.13 -5.19
N ILE B 77 12.95 -8.29 -4.74
CA ILE B 77 13.64 -9.25 -5.59
C ILE B 77 12.72 -9.71 -6.73
N GLY B 78 11.45 -9.94 -6.40
CA GLY B 78 10.49 -10.36 -7.42
C GLY B 78 10.36 -9.35 -8.53
N PHE B 79 10.36 -8.07 -8.16
CA PHE B 79 10.26 -7.01 -9.15
C PHE B 79 11.56 -6.90 -9.95
N GLU B 80 12.70 -7.17 -9.30
CA GLU B 80 13.99 -7.13 -9.99
C GLU B 80 14.05 -8.26 -11.03
N MET B 81 13.49 -9.41 -10.68
CA MET B 81 13.48 -10.56 -11.59
C MET B 81 12.63 -10.28 -12.83
N ARG B 82 11.58 -9.50 -12.65
CA ARG B 82 10.69 -9.13 -13.75
C ARG B 82 11.22 -7.91 -14.52
N GLY B 83 12.16 -7.19 -13.91
CA GLY B 83 12.71 -6.00 -14.53
C GLY B 83 11.68 -4.88 -14.56
N TRP B 84 10.81 -4.85 -13.55
CA TRP B 84 9.77 -3.82 -13.48
C TRP B 84 10.14 -2.73 -12.49
N GLU B 85 9.76 -1.49 -12.82
CA GLU B 85 10.03 -0.36 -11.94
C GLU B 85 9.12 -0.43 -10.72
N LEU B 86 9.74 -0.47 -9.55
CA LEU B 86 9.02 -0.55 -8.29
C LEU B 86 8.61 0.83 -7.77
N ASP B 87 7.34 0.97 -7.41
CA ASP B 87 6.82 2.22 -6.87
C ASP B 87 7.06 2.26 -5.36
N ARG B 88 6.59 1.22 -4.67
CA ARG B 88 6.75 1.12 -3.23
C ARG B 88 6.34 -0.27 -2.79
N ILE B 89 6.56 -0.56 -1.51
CA ILE B 89 6.19 -1.85 -0.95
C ILE B 89 5.41 -1.62 0.32
N GLU B 90 4.24 -2.23 0.40
N GLU B 90 4.24 -2.22 0.42
CA GLU B 90 3.40 -2.14 1.57
CA GLU B 90 3.42 -2.10 1.62
C GLU B 90 3.52 -3.49 2.26
C GLU B 90 3.36 -3.47 2.28
N SER B 91 3.53 -3.49 3.60
CA SER B 91 3.61 -4.72 4.33
C SER B 91 2.97 -4.71 5.70
N ILE B 92 2.87 -5.91 6.27
CA ILE B 92 2.31 -6.11 7.60
C ILE B 92 3.05 -7.30 8.18
N ALA B 93 3.21 -7.31 9.50
CA ALA B 93 3.88 -8.42 10.17
C ALA B 93 3.31 -8.59 11.57
N VAL B 94 3.49 -9.79 12.12
CA VAL B 94 2.99 -10.08 13.47
C VAL B 94 3.91 -11.11 14.12
N GLU B 95 4.07 -11.01 15.43
CA GLU B 95 4.89 -11.98 16.15
C GLU B 95 4.12 -12.52 17.34
N HIS B 96 4.45 -13.75 17.71
CA HIS B 96 3.79 -14.42 18.82
C HIS B 96 4.81 -15.17 19.67
N THR B 97 4.70 -15.04 20.98
CA THR B 97 5.58 -15.73 21.90
C THR B 97 4.75 -16.89 22.43
N VAL B 98 5.13 -18.10 22.04
CA VAL B 98 4.42 -19.31 22.43
C VAL B 98 4.37 -19.57 23.93
N GLU B 99 3.18 -19.88 24.43
CA GLU B 99 2.99 -20.21 25.83
C GLU B 99 2.99 -21.73 25.89
N LYS B 100 2.14 -22.35 25.08
CA LYS B 100 2.03 -23.80 25.00
C LYS B 100 2.02 -24.23 23.53
N LEU B 101 1.17 -23.59 22.73
CA LEU B 101 1.06 -23.89 21.31
C LEU B 101 0.45 -22.65 20.68
N GLY B 102 1.22 -22.01 19.80
CA GLY B 102 0.73 -20.79 19.18
C GLY B 102 0.93 -20.73 17.68
N CYS B 103 0.24 -19.79 17.05
CA CYS B 103 0.32 -19.59 15.62
C CYS B 103 0.39 -18.11 15.27
N ALA B 104 1.29 -17.78 14.34
CA ALA B 104 1.45 -16.41 13.85
C ALA B 104 0.97 -16.49 12.40
N PHE B 105 0.15 -15.52 11.99
CA PHE B 105 -0.44 -15.53 10.65
C PHE B 105 -0.52 -14.15 10.02
N ALA B 106 -0.18 -14.07 8.73
CA ALA B 106 -0.24 -12.80 8.00
C ALA B 106 -0.81 -13.09 6.62
N ALA B 107 -1.68 -12.21 6.14
CA ALA B 107 -2.32 -12.46 4.85
C ALA B 107 -2.68 -11.21 4.05
N ALA B 108 -2.91 -11.44 2.76
CA ALA B 108 -3.35 -10.42 1.83
C ALA B 108 -4.63 -11.02 1.24
N ALA B 109 -5.77 -10.50 1.67
CA ALA B 109 -7.07 -11.00 1.20
C ALA B 109 -7.54 -10.22 -0.02
N LEU B 110 -7.81 -10.93 -1.11
CA LEU B 110 -8.27 -10.32 -2.35
C LEU B 110 -9.79 -10.36 -2.41
N TRP B 111 -10.41 -9.25 -2.72
CA TRP B 111 -11.86 -9.22 -2.79
C TRP B 111 -12.38 -8.27 -3.87
N TYR B 112 -13.66 -7.91 -3.76
CA TYR B 112 -14.32 -7.08 -4.75
C TYR B 112 -15.07 -5.93 -4.12
N LYS B 113 -14.86 -4.74 -4.66
CA LYS B 113 -15.52 -3.53 -4.17
C LYS B 113 -16.81 -3.30 -4.96
N ILE C 5 -26.03 -19.30 -31.22
CA ILE C 5 -26.13 -18.30 -30.12
C ILE C 5 -24.82 -18.22 -29.35
N ASN C 6 -24.19 -17.05 -29.39
CA ASN C 6 -22.92 -16.81 -28.71
C ASN C 6 -23.08 -16.92 -27.18
N PRO C 7 -22.30 -17.80 -26.54
CA PRO C 7 -22.38 -17.98 -25.08
C PRO C 7 -21.97 -16.74 -24.29
N LEU C 8 -22.78 -16.41 -23.28
CA LEU C 8 -22.51 -15.28 -22.40
C LEU C 8 -22.23 -15.85 -21.01
N HIS C 9 -21.62 -15.03 -20.14
CA HIS C 9 -21.29 -15.46 -18.78
C HIS C 9 -20.45 -16.74 -18.78
N ALA C 10 -19.63 -16.89 -19.81
CA ALA C 10 -18.77 -18.06 -19.96
C ALA C 10 -17.79 -18.20 -18.79
N TYR C 11 -17.27 -17.07 -18.31
CA TYR C 11 -16.30 -17.10 -17.21
C TYR C 11 -16.90 -17.53 -15.86
N PHE C 12 -18.22 -17.57 -15.77
CA PHE C 12 -18.88 -17.98 -14.53
C PHE C 12 -19.15 -19.47 -14.52
N LYS C 13 -18.88 -20.13 -15.65
CA LYS C 13 -19.08 -21.55 -15.78
C LYS C 13 -17.75 -22.28 -15.59
N LEU C 14 -17.72 -23.57 -15.91
CA LEU C 14 -16.51 -24.38 -15.76
C LEU C 14 -15.47 -24.08 -16.84
N PRO C 15 -14.18 -24.14 -16.47
CA PRO C 15 -13.11 -23.88 -17.45
C PRO C 15 -13.24 -24.90 -18.59
N ASN C 16 -12.94 -24.47 -19.81
CA ASN C 16 -13.05 -25.38 -20.95
C ASN C 16 -11.74 -25.60 -21.72
N THR C 17 -10.63 -25.17 -21.14
CA THR C 17 -9.32 -25.37 -21.77
C THR C 17 -8.30 -25.72 -20.69
N VAL C 18 -7.27 -26.45 -21.09
CA VAL C 18 -6.19 -26.84 -20.21
C VAL C 18 -4.89 -26.59 -20.96
N SER C 19 -3.91 -26.00 -20.28
CA SER C 19 -2.62 -25.72 -20.90
C SER C 19 -1.51 -26.26 -20.03
N LEU C 20 -0.57 -26.98 -20.65
CA LEU C 20 0.55 -27.55 -19.92
C LEU C 20 1.77 -26.63 -20.04
N VAL C 21 2.30 -26.20 -18.90
CA VAL C 21 3.47 -25.32 -18.87
C VAL C 21 4.48 -25.85 -17.88
N ALA C 22 5.73 -25.41 -18.02
CA ALA C 22 6.79 -25.86 -17.14
C ALA C 22 7.94 -24.88 -17.19
N GLY C 23 8.69 -24.78 -16.09
CA GLY C 23 9.82 -23.87 -16.07
C GLY C 23 10.68 -24.10 -14.84
N SER C 24 11.84 -23.45 -14.81
CA SER C 24 12.73 -23.58 -13.68
C SER C 24 13.48 -22.27 -13.51
N SER C 25 14.03 -22.07 -12.32
CA SER C 25 14.76 -20.85 -12.04
C SER C 25 15.53 -20.95 -10.74
N GLU C 26 16.56 -20.12 -10.63
CA GLU C 26 17.34 -20.03 -9.42
C GLU C 26 16.64 -18.92 -8.64
N GLY C 27 17.00 -18.76 -7.37
CA GLY C 27 16.37 -17.74 -6.57
C GLY C 27 17.09 -17.54 -5.25
N GLU C 28 17.00 -16.33 -4.72
CA GLU C 28 17.67 -16.01 -3.45
C GLU C 28 16.98 -16.67 -2.25
N THR C 29 15.72 -17.03 -2.44
CA THR C 29 14.93 -17.71 -1.41
C THR C 29 14.04 -18.72 -2.13
N PRO C 30 13.52 -19.73 -1.40
CA PRO C 30 12.65 -20.71 -2.04
C PRO C 30 11.47 -20.08 -2.78
N LEU C 31 10.81 -19.11 -2.15
CA LEU C 31 9.67 -18.45 -2.78
C LEU C 31 10.08 -17.66 -4.02
N ASN C 32 11.26 -17.04 -3.99
CA ASN C 32 11.73 -16.28 -5.13
C ASN C 32 12.11 -17.21 -6.28
N ALA C 33 12.60 -18.39 -5.94
CA ALA C 33 12.96 -19.40 -6.95
C ALA C 33 11.68 -19.94 -7.57
N PHE C 34 10.67 -20.15 -6.73
CA PHE C 34 9.37 -20.65 -7.16
C PHE C 34 8.77 -19.64 -8.13
N ASP C 35 8.78 -18.36 -7.72
CA ASP C 35 8.27 -17.26 -8.52
C ASP C 35 9.00 -17.23 -9.87
N GLY C 36 10.33 -17.38 -9.82
CA GLY C 36 11.10 -17.39 -11.04
C GLY C 36 10.72 -18.53 -11.97
N ALA C 37 10.43 -19.69 -11.40
CA ALA C 37 10.05 -20.86 -12.18
C ALA C 37 8.70 -20.62 -12.87
N LEU C 38 7.77 -20.02 -12.14
CA LEU C 38 6.46 -19.70 -12.70
C LEU C 38 6.64 -18.71 -13.85
N LEU C 39 7.50 -17.71 -13.64
CA LEU C 39 7.77 -16.71 -14.68
C LEU C 39 8.36 -17.40 -15.91
N ASN C 40 9.27 -18.34 -15.67
CA ASN C 40 9.94 -19.08 -16.73
C ASN C 40 8.94 -19.95 -17.50
N ALA C 41 7.89 -20.38 -16.81
CA ALA C 41 6.84 -21.22 -17.40
C ALA C 41 5.78 -20.40 -18.13
N GLY C 42 5.73 -19.09 -17.83
CA GLY C 42 4.77 -18.22 -18.48
C GLY C 42 3.52 -17.88 -17.66
N ILE C 43 3.44 -18.37 -16.41
N ILE C 43 3.49 -18.40 -16.43
CA ILE C 43 2.29 -18.07 -15.56
CA ILE C 43 2.35 -18.19 -15.53
C ILE C 43 2.69 -17.37 -14.27
C ILE C 43 2.81 -17.51 -14.23
N GLY C 44 3.76 -16.59 -14.35
CA GLY C 44 4.25 -15.89 -13.17
C GLY C 44 3.42 -14.70 -12.72
N ASN C 45 2.56 -14.18 -13.60
CA ASN C 45 1.77 -13.01 -13.24
C ASN C 45 0.27 -13.22 -13.03
N VAL C 46 -0.10 -14.45 -12.70
CA VAL C 46 -1.49 -14.78 -12.39
C VAL C 46 -1.49 -15.51 -11.06
N ASN C 47 -2.64 -15.60 -10.44
CA ASN C 47 -2.78 -16.29 -9.16
C ASN C 47 -3.07 -17.75 -9.40
N LEU C 48 -2.28 -18.64 -8.80
CA LEU C 48 -2.53 -20.06 -8.96
C LEU C 48 -3.42 -20.55 -7.83
N ILE C 49 -4.55 -21.17 -8.19
CA ILE C 49 -5.47 -21.74 -7.21
C ILE C 49 -5.22 -23.24 -7.39
N ARG C 50 -4.47 -23.82 -6.47
CA ARG C 50 -4.13 -25.24 -6.58
C ARG C 50 -5.34 -26.17 -6.50
N ILE C 51 -5.52 -26.96 -7.55
CA ILE C 51 -6.61 -27.92 -7.57
C ILE C 51 -6.01 -29.27 -7.22
N SER C 52 -6.72 -30.05 -6.42
CA SER C 52 -6.24 -31.36 -6.00
C SER C 52 -7.23 -32.47 -6.23
C PYR D 1 -7.44 -33.26 -12.32
O PYR D 1 -7.15 -34.36 -12.80
CA PYR D 1 -6.59 -32.62 -11.38
O3 PYR D 1 -5.54 -33.20 -11.09
CB PYR D 1 -6.75 -31.31 -10.70
N ILE D 2 -8.54 -32.60 -12.66
CA ILE D 2 -9.50 -33.14 -13.62
C ILE D 2 -9.78 -32.15 -14.75
N MET D 3 -9.65 -32.62 -15.99
CA MET D 3 -9.93 -31.78 -17.15
C MET D 3 -11.40 -32.03 -17.45
N PRO D 4 -12.25 -30.99 -17.38
CA PRO D 4 -13.68 -31.13 -17.67
C PRO D 4 -13.99 -31.76 -19.02
N PRO D 5 -15.08 -32.56 -19.11
CA PRO D 5 -15.43 -33.19 -20.39
C PRO D 5 -15.54 -32.13 -21.49
N GLU D 6 -15.12 -32.49 -22.69
CA GLU D 6 -15.16 -31.60 -23.85
C GLU D 6 -14.13 -30.48 -23.83
N ALA D 7 -13.37 -30.37 -22.74
CA ALA D 7 -12.34 -29.34 -22.65
C ALA D 7 -11.24 -29.71 -23.63
N GLU D 8 -10.46 -28.72 -24.05
CA GLU D 8 -9.39 -28.98 -25.00
C GLU D 8 -8.04 -28.53 -24.47
N ILE D 9 -7.00 -29.27 -24.82
CA ILE D 9 -5.64 -28.91 -24.45
C ILE D 9 -5.26 -27.88 -25.50
N VAL D 10 -4.89 -26.69 -25.04
CA VAL D 10 -4.54 -25.60 -25.94
C VAL D 10 -3.28 -24.90 -25.45
N PRO D 11 -2.61 -24.15 -26.34
CA PRO D 11 -1.40 -23.46 -25.90
C PRO D 11 -1.85 -22.44 -24.86
N LEU D 12 -0.97 -22.06 -23.95
CA LEU D 12 -1.32 -21.10 -22.91
C LEU D 12 -1.91 -19.84 -23.53
N PRO D 13 -3.14 -19.48 -23.14
CA PRO D 13 -3.77 -18.26 -23.70
C PRO D 13 -3.19 -17.01 -23.06
N LYS D 14 -3.57 -15.86 -23.59
CA LYS D 14 -3.11 -14.59 -23.03
C LYS D 14 -3.93 -14.40 -21.75
N LEU D 15 -3.30 -14.65 -20.60
CA LEU D 15 -3.99 -14.52 -19.32
C LEU D 15 -3.97 -13.11 -18.73
N PRO D 16 -5.12 -12.66 -18.20
CA PRO D 16 -5.21 -11.33 -17.60
C PRO D 16 -4.37 -11.39 -16.34
N MET D 17 -3.50 -10.41 -16.13
CA MET D 17 -2.66 -10.42 -14.92
C MET D 17 -3.54 -10.42 -13.68
N GLY D 18 -3.20 -11.30 -12.73
CA GLY D 18 -3.96 -11.39 -11.50
C GLY D 18 -5.12 -12.38 -11.55
N ALA D 19 -5.32 -13.03 -12.69
CA ALA D 19 -6.41 -13.99 -12.82
C ALA D 19 -6.28 -15.12 -11.81
N LEU D 20 -7.42 -15.62 -11.33
CA LEU D 20 -7.46 -16.71 -10.37
C LEU D 20 -7.56 -17.99 -11.20
N VAL D 21 -6.39 -18.52 -11.56
CA VAL D 21 -6.31 -19.69 -12.42
C VAL D 21 -6.25 -21.02 -11.70
N PRO D 22 -7.27 -21.88 -11.89
CA PRO D 22 -7.30 -23.20 -11.25
C PRO D 22 -6.13 -23.94 -11.90
N THR D 23 -5.18 -24.37 -11.08
CA THR D 23 -3.98 -25.02 -11.59
C THR D 23 -3.53 -26.23 -10.80
N ALA D 24 -3.20 -27.31 -11.50
CA ALA D 24 -2.68 -28.51 -10.86
C ALA D 24 -1.17 -28.38 -11.14
N TYR D 25 -0.35 -28.50 -10.10
CA TYR D 25 1.08 -28.38 -10.33
C TYR D 25 1.96 -29.19 -9.40
N GLY D 26 3.19 -29.39 -9.85
CA GLY D 26 4.18 -30.12 -9.08
C GLY D 26 5.42 -29.24 -9.08
N TYR D 27 6.15 -29.23 -7.98
CA TYR D 27 7.36 -28.42 -7.91
C TYR D 27 8.33 -29.03 -6.90
N ILE D 28 9.60 -28.67 -7.05
CA ILE D 28 10.63 -29.14 -6.15
C ILE D 28 11.69 -28.05 -6.06
N ILE D 29 12.15 -27.79 -4.84
CA ILE D 29 13.16 -26.78 -4.60
C ILE D 29 14.36 -27.43 -3.94
N SER D 30 15.56 -27.03 -4.33
CA SER D 30 16.77 -27.61 -3.76
C SER D 30 17.89 -26.60 -3.63
N ASP D 31 18.63 -26.70 -2.52
CA ASP D 31 19.77 -25.80 -2.26
C ASP D 31 21.08 -26.57 -2.28
N VAL D 32 21.08 -27.72 -2.96
CA VAL D 32 22.27 -28.56 -3.07
C VAL D 32 22.91 -28.33 -4.43
N PRO D 33 24.08 -27.65 -4.46
CA PRO D 33 24.79 -27.37 -5.71
C PRO D 33 25.07 -28.63 -6.52
N GLY D 34 24.78 -28.57 -7.82
CA GLY D 34 25.02 -29.71 -8.69
C GLY D 34 23.91 -30.75 -8.72
N GLU D 35 22.87 -30.57 -7.90
CA GLU D 35 21.77 -31.51 -7.87
C GLU D 35 20.78 -31.23 -9.00
N THR D 36 20.35 -32.29 -9.66
CA THR D 36 19.39 -32.16 -10.76
C THR D 36 17.99 -32.46 -10.25
N ILE D 37 17.10 -31.48 -10.38
CA ILE D 37 15.72 -31.62 -9.94
C ILE D 37 14.79 -31.46 -11.14
N SER D 38 13.68 -32.21 -11.13
N SER D 38 13.68 -32.19 -11.13
CA SER D 38 12.73 -32.15 -12.23
CA SER D 38 12.73 -32.14 -12.23
C SER D 38 11.27 -32.15 -11.77
C SER D 38 11.28 -32.14 -11.76
N ALA D 39 10.40 -31.64 -12.63
CA ALA D 39 8.98 -31.59 -12.36
C ALA D 39 8.31 -31.92 -13.70
N ALA D 40 7.19 -32.62 -13.64
CA ALA D 40 6.49 -33.01 -14.86
C ALA D 40 4.98 -33.00 -14.65
N ILE D 41 4.25 -32.88 -15.75
CA ILE D 41 2.80 -32.82 -15.72
C ILE D 41 2.24 -33.62 -16.89
N SER D 42 1.13 -34.32 -16.66
CA SER D 42 0.53 -35.10 -17.73
C SER D 42 -0.98 -35.02 -17.66
N VAL D 43 -1.62 -35.33 -18.77
N VAL D 43 -1.62 -35.30 -18.79
CA VAL D 43 -3.07 -35.34 -18.85
CA VAL D 43 -3.07 -35.31 -18.89
C VAL D 43 -3.52 -36.47 -19.75
C VAL D 43 -3.49 -36.49 -19.75
N ALA D 44 -4.25 -37.41 -19.16
CA ALA D 44 -4.76 -38.56 -19.89
C ALA D 44 -6.09 -38.11 -20.47
N ILE D 45 -6.22 -38.22 -21.78
CA ILE D 45 -7.44 -37.82 -22.48
C ILE D 45 -8.20 -39.08 -22.85
N PRO D 46 -9.49 -39.15 -22.52
CA PRO D 46 -10.33 -40.31 -22.80
C PRO D 46 -10.84 -40.39 -24.24
N LYS D 47 -11.09 -41.61 -24.70
CA LYS D 47 -11.64 -41.86 -26.03
C LYS D 47 -13.08 -41.36 -26.01
N ASP D 48 -13.79 -41.71 -24.94
CA ASP D 48 -15.18 -41.29 -24.74
C ASP D 48 -15.14 -39.83 -24.35
N LYS D 49 -15.57 -38.97 -25.28
CA LYS D 49 -15.57 -37.53 -25.06
C LYS D 49 -16.52 -37.01 -23.98
N SER D 50 -17.36 -37.88 -23.45
CA SER D 50 -18.28 -37.49 -22.38
C SER D 50 -17.58 -37.59 -21.03
N LEU D 51 -16.46 -38.31 -21.00
CA LEU D 51 -15.68 -38.48 -19.77
C LEU D 51 -14.68 -37.36 -19.62
N CYS D 52 -14.06 -37.27 -18.45
CA CYS D 52 -13.08 -36.23 -18.17
C CYS D 52 -11.64 -36.69 -18.34
N GLY D 53 -10.73 -35.73 -18.41
CA GLY D 53 -9.32 -36.06 -18.54
C GLY D 53 -8.73 -36.08 -17.14
N LEU D 54 -7.66 -36.85 -16.95
CA LEU D 54 -7.02 -36.93 -15.65
C LEU D 54 -5.64 -36.29 -15.70
N ILE D 55 -5.44 -35.31 -14.83
CA ILE D 55 -4.17 -34.59 -14.74
C ILE D 55 -3.33 -35.14 -13.60
N MET D 56 -2.05 -35.41 -13.88
CA MET D 56 -1.13 -35.91 -12.86
C MET D 56 0.11 -35.04 -12.83
N GLU D 57 0.71 -34.92 -11.65
CA GLU D 57 1.93 -34.14 -11.50
C GLU D 57 2.99 -34.96 -10.77
N TYR D 58 4.24 -34.63 -11.04
CA TYR D 58 5.35 -35.33 -10.43
C TYR D 58 6.55 -34.40 -10.26
N GLU D 59 7.33 -34.65 -9.21
CA GLU D 59 8.54 -33.88 -8.94
C GLU D 59 9.53 -34.79 -8.22
N GLY D 60 10.82 -34.52 -8.39
CA GLY D 60 11.81 -35.33 -7.73
C GLY D 60 13.24 -35.05 -8.18
N LYS D 61 14.18 -35.68 -7.49
CA LYS D 61 15.59 -35.53 -7.79
C LYS D 61 15.93 -36.58 -8.85
N CYS D 62 15.60 -36.25 -10.09
CA CYS D 62 15.84 -37.14 -11.22
C CYS D 62 15.93 -36.31 -12.50
N SER D 63 16.07 -36.99 -13.63
CA SER D 63 16.16 -36.34 -14.93
C SER D 63 14.79 -35.97 -15.47
N LYS D 64 14.80 -35.12 -16.50
CA LYS D 64 13.60 -34.67 -17.18
C LYS D 64 12.91 -35.90 -17.77
N LYS D 65 13.71 -36.78 -18.35
CA LYS D 65 13.24 -38.02 -18.96
C LYS D 65 12.51 -38.90 -17.96
N GLU D 66 13.14 -39.16 -16.82
CA GLU D 66 12.53 -40.00 -15.78
C GLU D 66 11.25 -39.38 -15.24
N ALA D 67 11.25 -38.06 -15.06
CA ALA D 67 10.07 -37.38 -14.54
C ALA D 67 8.88 -37.51 -15.49
N GLU D 68 9.13 -37.34 -16.78
CA GLU D 68 8.06 -37.46 -17.77
C GLU D 68 7.56 -38.89 -17.89
N LYS D 69 8.48 -39.84 -17.90
CA LYS D 69 8.12 -41.26 -17.99
C LYS D 69 7.20 -41.62 -16.81
N THR D 70 7.60 -41.18 -15.61
CA THR D 70 6.85 -41.44 -14.39
C THR D 70 5.46 -40.81 -14.38
N VAL D 71 5.36 -39.52 -14.70
CA VAL D 71 4.07 -38.84 -14.69
C VAL D 71 3.10 -39.38 -15.73
N ARG D 72 3.61 -39.82 -16.88
CA ARG D 72 2.76 -40.38 -17.91
C ARG D 72 2.15 -41.69 -17.40
N GLU D 73 2.97 -42.50 -16.74
N GLU D 73 2.97 -42.50 -16.74
CA GLU D 73 2.51 -43.77 -16.20
CA GLU D 73 2.54 -43.77 -16.18
C GLU D 73 1.47 -43.54 -15.11
C GLU D 73 1.49 -43.54 -15.10
N MET D 74 1.66 -42.48 -14.32
CA MET D 74 0.72 -42.15 -13.25
C MET D 74 -0.66 -41.82 -13.81
N ALA D 75 -0.70 -41.11 -14.93
CA ALA D 75 -1.96 -40.75 -15.57
C ALA D 75 -2.63 -42.01 -16.12
N LYS D 76 -1.83 -42.88 -16.72
CA LYS D 76 -2.33 -44.14 -17.28
C LYS D 76 -2.96 -44.99 -16.17
N ILE D 77 -2.29 -45.05 -15.03
CA ILE D 77 -2.77 -45.81 -13.87
C ILE D 77 -4.11 -45.27 -13.39
N GLY D 78 -4.27 -43.95 -13.45
CA GLY D 78 -5.52 -43.34 -13.03
C GLY D 78 -6.67 -43.79 -13.92
N PHE D 79 -6.39 -43.91 -15.21
CA PHE D 79 -7.42 -44.36 -16.15
C PHE D 79 -7.69 -45.85 -15.95
N GLU D 80 -6.65 -46.59 -15.56
CA GLU D 80 -6.77 -48.02 -15.30
C GLU D 80 -7.71 -48.24 -14.12
N MET D 81 -7.54 -47.43 -13.08
CA MET D 81 -8.35 -47.51 -11.88
C MET D 81 -9.82 -47.20 -12.15
N ARG D 82 -10.06 -46.37 -13.15
CA ARG D 82 -11.41 -45.98 -13.56
C ARG D 82 -11.98 -46.91 -14.62
N GLY D 83 -11.10 -47.60 -15.32
CA GLY D 83 -11.54 -48.51 -16.38
C GLY D 83 -11.90 -47.72 -17.62
N TRP D 84 -11.21 -46.60 -17.82
CA TRP D 84 -11.47 -45.75 -18.98
C TRP D 84 -10.51 -45.94 -20.12
N GLU D 85 -11.05 -45.96 -21.33
CA GLU D 85 -10.28 -46.14 -22.55
C GLU D 85 -9.47 -44.88 -22.83
N LEU D 86 -8.22 -45.09 -23.21
CA LEU D 86 -7.31 -43.98 -23.47
C LEU D 86 -7.19 -43.52 -24.91
N ASP D 87 -7.25 -42.21 -25.11
N ASP D 87 -7.25 -42.21 -25.11
CA ASP D 87 -7.09 -41.62 -26.43
CA ASP D 87 -7.08 -41.64 -26.44
C ASP D 87 -5.59 -41.39 -26.56
C ASP D 87 -5.59 -41.38 -26.57
N ARG D 88 -5.06 -40.61 -25.63
CA ARG D 88 -3.63 -40.28 -25.60
C ARG D 88 -3.30 -39.59 -24.30
N ILE D 89 -2.00 -39.47 -24.04
CA ILE D 89 -1.53 -38.79 -22.85
C ILE D 89 -0.57 -37.71 -23.33
N GLU D 90 -0.84 -36.47 -22.93
CA GLU D 90 0.03 -35.36 -23.28
C GLU D 90 0.79 -34.99 -22.02
N SER D 91 2.07 -34.69 -22.17
CA SER D 91 2.89 -34.36 -21.02
C SER D 91 4.05 -33.46 -21.37
N ILE D 92 4.60 -32.83 -20.35
CA ILE D 92 5.77 -31.98 -20.49
C ILE D 92 6.53 -32.05 -19.16
N ALA D 93 7.84 -31.88 -19.24
CA ALA D 93 8.68 -31.94 -18.07
C ALA D 93 9.80 -30.92 -18.20
N VAL D 94 10.45 -30.65 -17.08
CA VAL D 94 11.55 -29.70 -17.05
C VAL D 94 12.53 -30.15 -15.96
N GLU D 95 13.82 -29.92 -16.21
CA GLU D 95 14.83 -30.26 -15.22
C GLU D 95 15.67 -29.03 -14.96
N HIS D 96 16.27 -28.99 -13.78
CA HIS D 96 17.10 -27.85 -13.40
C HIS D 96 18.28 -28.34 -12.57
N THR D 97 19.47 -27.86 -12.92
CA THR D 97 20.67 -28.21 -12.19
C THR D 97 20.93 -27.05 -11.24
N VAL D 98 20.81 -27.32 -9.95
CA VAL D 98 21.00 -26.30 -8.93
C VAL D 98 22.40 -25.71 -8.87
N GLU D 99 22.46 -24.38 -8.86
CA GLU D 99 23.73 -23.67 -8.77
C GLU D 99 23.88 -23.30 -7.30
N LYS D 100 22.85 -22.67 -6.74
CA LYS D 100 22.85 -22.28 -5.33
C LYS D 100 21.50 -22.66 -4.72
N LEU D 101 20.42 -22.27 -5.37
N LEU D 101 20.42 -22.27 -5.37
CA LEU D 101 19.07 -22.57 -4.90
CA LEU D 101 19.06 -22.56 -4.91
C LEU D 101 18.14 -22.51 -6.10
C LEU D 101 18.13 -22.50 -6.10
N GLY D 102 17.61 -23.66 -6.51
CA GLY D 102 16.73 -23.71 -7.66
C GLY D 102 15.39 -24.40 -7.47
N CYS D 103 14.49 -24.17 -8.43
CA CYS D 103 13.16 -24.75 -8.41
C CYS D 103 12.74 -25.22 -9.80
N ALA D 104 12.18 -26.42 -9.85
CA ALA D 104 11.67 -27.01 -11.09
C ALA D 104 10.15 -27.02 -10.88
N PHE D 105 9.40 -26.63 -11.91
CA PHE D 105 7.95 -26.51 -11.82
C PHE D 105 7.23 -26.94 -13.11
N ALA D 106 6.12 -27.66 -12.95
CA ALA D 106 5.31 -28.09 -14.09
C ALA D 106 3.85 -27.96 -13.66
N ALA D 107 3.00 -27.51 -14.58
CA ALA D 107 1.60 -27.30 -14.26
C ALA D 107 0.62 -27.44 -15.41
N ALA D 108 -0.64 -27.64 -15.05
CA ALA D 108 -1.74 -27.73 -16.00
C ALA D 108 -2.70 -26.64 -15.54
N ALA D 109 -2.80 -25.58 -16.34
CA ALA D 109 -3.66 -24.44 -16.02
C ALA D 109 -4.99 -24.53 -16.75
N LEU D 110 -6.07 -24.46 -15.99
CA LEU D 110 -7.42 -24.51 -16.55
C LEU D 110 -7.92 -23.10 -16.81
N TRP D 111 -8.40 -22.85 -18.02
CA TRP D 111 -8.91 -21.52 -18.32
C TRP D 111 -10.09 -21.54 -19.28
N TYR D 112 -10.32 -20.44 -19.99
CA TYR D 112 -11.47 -20.32 -20.88
C TYR D 112 -11.16 -19.92 -22.31
N LYS D 113 -11.98 -20.41 -23.24
CA LYS D 113 -11.86 -20.11 -24.67
C LYS D 113 -12.11 -18.63 -24.93
N ALA E 3 -25.90 -24.70 -15.96
CA ALA E 3 -25.97 -25.21 -14.57
C ALA E 3 -24.59 -25.22 -13.90
N GLU E 4 -23.57 -24.91 -14.69
CA GLU E 4 -22.20 -24.88 -14.19
C GLU E 4 -21.90 -23.62 -13.41
N ILE E 5 -20.93 -23.72 -12.50
CA ILE E 5 -20.52 -22.57 -11.71
C ILE E 5 -19.07 -22.65 -11.27
N ASN E 6 -18.35 -21.54 -11.42
CA ASN E 6 -16.97 -21.46 -10.96
C ASN E 6 -17.08 -20.55 -9.73
N PRO E 7 -17.02 -21.14 -8.52
CA PRO E 7 -17.11 -20.40 -7.25
C PRO E 7 -16.04 -19.34 -7.05
N LEU E 8 -14.94 -19.45 -7.79
CA LEU E 8 -13.83 -18.50 -7.73
C LEU E 8 -14.15 -17.23 -8.53
N HIS E 9 -15.09 -17.33 -9.46
CA HIS E 9 -15.50 -16.18 -10.25
C HIS E 9 -16.84 -15.62 -9.80
N ALA E 10 -17.77 -16.50 -9.44
CA ALA E 10 -19.08 -16.09 -8.94
C ALA E 10 -18.95 -15.98 -7.42
N TYR E 11 -18.13 -15.02 -6.98
CA TYR E 11 -17.86 -14.78 -5.57
C TYR E 11 -19.10 -14.39 -4.77
N PHE E 12 -20.11 -13.91 -5.49
CA PHE E 12 -21.38 -13.48 -4.92
C PHE E 12 -22.39 -14.61 -4.72
N LYS E 13 -22.04 -15.81 -5.15
CA LYS E 13 -22.91 -16.95 -4.99
C LYS E 13 -22.20 -17.99 -4.11
N LEU E 14 -22.52 -17.95 -2.81
CA LEU E 14 -21.92 -18.86 -1.85
C LEU E 14 -22.58 -20.23 -1.84
N PRO E 15 -21.80 -21.28 -1.54
CA PRO E 15 -22.34 -22.64 -1.50
C PRO E 15 -23.41 -22.67 -0.40
N ASN E 16 -24.46 -23.46 -0.58
CA ASN E 16 -25.51 -23.53 0.42
C ASN E 16 -25.74 -24.94 0.96
N THR E 17 -24.81 -25.84 0.67
CA THR E 17 -24.88 -27.21 1.17
C THR E 17 -23.50 -27.73 1.48
N VAL E 18 -23.42 -28.68 2.41
N VAL E 18 -23.44 -28.69 2.39
CA VAL E 18 -22.16 -29.30 2.79
CA VAL E 18 -22.19 -29.32 2.81
C VAL E 18 -22.38 -30.80 2.91
C VAL E 18 -22.43 -30.82 2.85
N SER E 19 -21.45 -31.58 2.38
CA SER E 19 -21.56 -33.03 2.38
C SER E 19 -20.27 -33.64 2.92
N LEU E 20 -20.43 -34.62 3.81
CA LEU E 20 -19.28 -35.28 4.40
C LEU E 20 -19.02 -36.59 3.66
N VAL E 21 -17.79 -36.79 3.22
CA VAL E 21 -17.41 -38.00 2.52
C VAL E 21 -16.07 -38.49 3.06
N ALA E 22 -15.79 -39.76 2.86
CA ALA E 22 -14.53 -40.33 3.31
C ALA E 22 -14.23 -41.59 2.51
N GLY E 23 -12.94 -41.86 2.31
CA GLY E 23 -12.56 -43.03 1.57
C GLY E 23 -11.09 -43.36 1.77
N SER E 24 -10.69 -44.54 1.29
CA SER E 24 -9.30 -44.94 1.42
C SER E 24 -8.96 -45.81 0.25
N SER E 25 -7.67 -45.96 0.00
CA SER E 25 -7.23 -46.79 -1.12
C SER E 25 -5.74 -47.00 -1.13
N GLU E 26 -5.33 -48.10 -1.75
CA GLU E 26 -3.92 -48.39 -1.94
C GLU E 26 -3.59 -47.71 -3.28
N GLY E 27 -2.31 -47.54 -3.57
CA GLY E 27 -1.92 -46.93 -4.83
C GLY E 27 -0.48 -47.21 -5.19
N GLU E 28 -0.14 -47.10 -6.47
CA GLU E 28 1.22 -47.35 -6.92
C GLU E 28 2.15 -46.18 -6.60
N THR E 29 1.55 -45.01 -6.39
CA THR E 29 2.30 -43.81 -6.02
C THR E 29 1.43 -43.07 -5.01
N PRO E 30 2.02 -42.12 -4.28
CA PRO E 30 1.21 -41.38 -3.31
C PRO E 30 0.02 -40.67 -3.96
N LEU E 31 0.23 -40.08 -5.13
CA LEU E 31 -0.85 -39.37 -5.83
C LEU E 31 -1.92 -40.32 -6.37
N ASN E 32 -1.52 -41.51 -6.82
CA ASN E 32 -2.49 -42.47 -7.32
C ASN E 32 -3.30 -43.04 -6.14
N ALA E 33 -2.67 -43.12 -4.98
CA ALA E 33 -3.35 -43.62 -3.78
C ALA E 33 -4.38 -42.58 -3.36
N PHE E 34 -3.99 -41.31 -3.45
CA PHE E 34 -4.87 -40.19 -3.10
C PHE E 34 -6.05 -40.20 -4.06
N ASP E 35 -5.77 -40.32 -5.35
CA ASP E 35 -6.80 -40.35 -6.40
C ASP E 35 -7.77 -41.49 -6.07
N GLY E 36 -7.21 -42.64 -5.71
CA GLY E 36 -8.03 -43.79 -5.38
C GLY E 36 -8.93 -43.55 -4.19
N ALA E 37 -8.40 -42.86 -3.17
CA ALA E 37 -9.19 -42.56 -1.98
C ALA E 37 -10.35 -41.62 -2.30
N LEU E 38 -10.11 -40.65 -3.19
CA LEU E 38 -11.17 -39.71 -3.59
C LEU E 38 -12.25 -40.47 -4.35
N LEU E 39 -11.83 -41.39 -5.22
CA LEU E 39 -12.76 -42.20 -5.99
C LEU E 39 -13.62 -43.05 -5.04
N ASN E 40 -12.97 -43.59 -4.01
CA ASN E 40 -13.63 -44.42 -3.01
C ASN E 40 -14.64 -43.55 -2.22
N ALA E 41 -14.30 -42.28 -2.02
CA ALA E 41 -15.15 -41.34 -1.30
C ALA E 41 -16.30 -40.80 -2.16
N GLY E 42 -16.22 -41.05 -3.47
CA GLY E 42 -17.25 -40.59 -4.38
C GLY E 42 -17.03 -39.20 -4.94
N ILE E 43 -15.80 -38.72 -4.86
N ILE E 43 -15.81 -38.68 -4.85
CA ILE E 43 -15.47 -37.38 -5.32
CA ILE E 43 -15.49 -37.35 -5.38
C ILE E 43 -14.17 -37.39 -6.15
C ILE E 43 -14.20 -37.37 -6.20
N GLY E 44 -13.94 -38.50 -6.86
CA GLY E 44 -12.74 -38.64 -7.66
C GLY E 44 -12.69 -37.97 -9.02
N ASN E 45 -13.85 -37.59 -9.56
CA ASN E 45 -13.85 -36.96 -10.88
C ASN E 45 -14.15 -35.47 -10.88
N VAL E 46 -13.85 -34.80 -9.77
CA VAL E 46 -14.05 -33.36 -9.67
C VAL E 46 -12.75 -32.74 -9.17
N ASN E 47 -12.63 -31.43 -9.38
CA ASN E 47 -11.46 -30.67 -8.93
C ASN E 47 -11.73 -30.12 -7.55
N LEU E 48 -10.93 -30.54 -6.57
CA LEU E 48 -11.09 -30.04 -5.22
C LEU E 48 -10.31 -28.75 -5.04
N ILE E 49 -11.01 -27.70 -4.62
CA ILE E 49 -10.38 -26.41 -4.33
C ILE E 49 -10.31 -26.41 -2.81
N ARG E 50 -9.12 -26.66 -2.26
CA ARG E 50 -8.97 -26.72 -0.82
C ARG E 50 -9.26 -25.41 -0.12
N ILE E 51 -10.16 -25.46 0.85
CA ILE E 51 -10.49 -24.28 1.64
C ILE E 51 -9.74 -24.40 2.96
N SER E 52 -9.35 -23.25 3.52
CA SER E 52 -8.60 -23.24 4.77
C SER E 52 -9.07 -22.15 5.73
C PYR F 1 -14.43 -23.95 7.49
O PYR F 1 -14.69 -24.14 8.66
CA PYR F 1 -13.27 -24.52 6.90
O3 PYR F 1 -12.57 -25.23 7.62
CB PYR F 1 -12.77 -24.40 5.50
N ILE F 2 -15.19 -23.21 6.69
CA ILE F 2 -16.41 -22.57 7.17
C ILE F 2 -17.66 -22.97 6.38
N MET F 3 -18.68 -23.44 7.09
CA MET F 3 -19.96 -23.78 6.45
C MET F 3 -20.75 -22.48 6.44
N PRO F 4 -21.14 -21.98 5.25
CA PRO F 4 -21.90 -20.73 5.16
C PRO F 4 -23.21 -20.79 5.94
N PRO F 5 -23.64 -19.64 6.48
CA PRO F 5 -24.89 -19.56 7.25
C PRO F 5 -26.06 -20.11 6.45
N GLU F 6 -26.96 -20.82 7.14
CA GLU F 6 -28.16 -21.40 6.54
C GLU F 6 -27.90 -22.60 5.63
N ALA F 7 -26.64 -23.00 5.48
CA ALA F 7 -26.32 -24.15 4.63
C ALA F 7 -26.88 -25.42 5.26
N GLU F 8 -27.24 -26.39 4.42
CA GLU F 8 -27.79 -27.65 4.89
C GLU F 8 -26.82 -28.80 4.64
N ILE F 9 -26.75 -29.73 5.59
CA ILE F 9 -25.91 -30.91 5.49
C ILE F 9 -26.73 -31.89 4.65
N VAL F 10 -26.18 -32.33 3.53
CA VAL F 10 -26.88 -33.26 2.65
C VAL F 10 -25.95 -34.34 2.12
N PRO F 11 -26.50 -35.49 1.71
CA PRO F 11 -25.62 -36.55 1.18
C PRO F 11 -25.02 -35.97 -0.10
N LEU F 12 -23.80 -36.36 -0.45
CA LEU F 12 -23.16 -35.83 -1.65
C LEU F 12 -24.03 -35.94 -2.90
N PRO F 13 -24.30 -34.81 -3.56
CA PRO F 13 -25.12 -34.76 -4.78
C PRO F 13 -24.32 -35.28 -5.97
N LYS F 14 -25.00 -35.45 -7.11
CA LYS F 14 -24.34 -35.91 -8.33
C LYS F 14 -23.58 -34.68 -8.84
N LEU F 15 -22.25 -34.77 -8.82
CA LEU F 15 -21.41 -33.66 -9.27
C LEU F 15 -20.94 -33.80 -10.71
N PRO F 16 -21.00 -32.70 -11.47
CA PRO F 16 -20.57 -32.72 -12.88
C PRO F 16 -19.07 -32.99 -12.90
N MET F 17 -18.61 -33.83 -13.82
CA MET F 17 -17.19 -34.13 -13.90
C MET F 17 -16.39 -32.86 -14.18
N GLY F 18 -15.31 -32.69 -13.42
CA GLY F 18 -14.47 -31.53 -13.58
C GLY F 18 -14.92 -30.31 -12.80
N ALA F 19 -16.00 -30.45 -12.04
CA ALA F 19 -16.50 -29.33 -11.25
C ALA F 19 -15.45 -28.80 -10.28
N LEU F 20 -15.48 -27.50 -10.03
CA LEU F 20 -14.56 -26.87 -9.08
C LEU F 20 -15.33 -26.87 -7.77
N VAL F 21 -14.97 -27.81 -6.90
CA VAL F 21 -15.66 -27.98 -5.62
C VAL F 21 -14.87 -27.52 -4.41
N PRO F 22 -15.34 -26.47 -3.71
CA PRO F 22 -14.66 -25.96 -2.52
C PRO F 22 -14.76 -27.08 -1.49
N THR F 23 -13.60 -27.55 -1.02
CA THR F 23 -13.59 -28.67 -0.10
C THR F 23 -12.57 -28.56 1.03
N ALA F 24 -13.00 -28.92 2.23
CA ALA F 24 -12.11 -28.94 3.39
C ALA F 24 -11.80 -30.41 3.54
N TYR F 25 -10.53 -30.76 3.65
CA TYR F 25 -10.19 -32.17 3.79
C TYR F 25 -8.93 -32.46 4.57
N GLY F 26 -8.89 -33.70 5.08
CA GLY F 26 -7.74 -34.19 5.82
C GLY F 26 -7.36 -35.50 5.17
N TYR F 27 -6.07 -35.77 5.07
CA TYR F 27 -5.63 -37.01 4.46
C TYR F 27 -4.26 -37.39 4.98
N ILE F 28 -3.94 -38.66 4.86
CA ILE F 28 -2.64 -39.16 5.29
C ILE F 28 -2.27 -40.31 4.37
N ILE F 29 -1.02 -40.34 3.96
CA ILE F 29 -0.50 -41.38 3.08
C ILE F 29 0.66 -42.05 3.80
N SER F 30 0.66 -43.38 3.80
CA SER F 30 1.71 -44.14 4.45
C SER F 30 2.16 -45.31 3.59
N ASP F 31 3.46 -45.59 3.62
CA ASP F 31 4.04 -46.71 2.88
C ASP F 31 4.60 -47.78 3.82
N VAL F 32 4.09 -47.77 5.05
CA VAL F 32 4.52 -48.73 6.08
C VAL F 32 3.50 -49.87 6.18
N PRO F 33 3.87 -51.07 5.71
CA PRO F 33 2.97 -52.23 5.76
C PRO F 33 2.39 -52.50 7.15
N GLY F 34 1.09 -52.77 7.20
CA GLY F 34 0.42 -53.06 8.45
C GLY F 34 0.06 -51.88 9.31
N GLU F 35 0.47 -50.68 8.91
CA GLU F 35 0.17 -49.47 9.67
C GLU F 35 -1.26 -48.98 9.44
N THR F 36 -1.95 -48.67 10.52
CA THR F 36 -3.31 -48.18 10.45
C THR F 36 -3.29 -46.65 10.43
N ILE F 37 -3.90 -46.07 9.40
CA ILE F 37 -3.97 -44.62 9.26
C ILE F 37 -5.43 -44.22 9.18
N SER F 38 -5.75 -43.02 9.65
N SER F 38 -5.75 -43.01 9.64
CA SER F 38 -7.12 -42.53 9.63
CA SER F 38 -7.13 -42.55 9.61
C SER F 38 -7.23 -41.06 9.31
C SER F 38 -7.24 -41.06 9.32
N ALA F 39 -8.41 -40.67 8.84
CA ALA F 39 -8.71 -39.29 8.51
C ALA F 39 -10.15 -39.06 8.95
N ALA F 40 -10.43 -37.86 9.43
CA ALA F 40 -11.78 -37.55 9.91
C ALA F 40 -12.12 -36.09 9.66
N ILE F 41 -13.42 -35.83 9.56
CA ILE F 41 -13.94 -34.48 9.33
C ILE F 41 -15.12 -34.24 10.25
N SER F 42 -15.24 -33.01 10.74
CA SER F 42 -16.35 -32.64 11.59
C SER F 42 -16.88 -31.28 11.18
N VAL F 43 -18.17 -31.06 11.43
CA VAL F 43 -18.79 -29.78 11.12
C VAL F 43 -19.62 -29.38 12.33
N ALA F 44 -19.19 -28.33 13.01
CA ALA F 44 -19.91 -27.82 14.18
C ALA F 44 -21.01 -26.92 13.62
N ILE F 45 -22.26 -27.25 13.95
CA ILE F 45 -23.42 -26.51 13.48
C ILE F 45 -23.93 -25.59 14.59
N PRO F 46 -24.22 -24.33 14.27
CA PRO F 46 -24.71 -23.40 15.30
C PRO F 46 -26.21 -23.47 15.55
N LYS F 47 -26.62 -23.05 16.74
CA LYS F 47 -28.04 -23.00 17.07
C LYS F 47 -28.64 -21.81 16.32
N ASP F 48 -27.87 -20.74 16.22
CA ASP F 48 -28.30 -19.53 15.50
C ASP F 48 -27.91 -19.77 14.04
N LYS F 49 -28.91 -20.05 13.21
CA LYS F 49 -28.68 -20.33 11.80
C LYS F 49 -28.12 -19.18 10.98
N SER F 50 -28.13 -17.97 11.54
CA SER F 50 -27.57 -16.82 10.84
C SER F 50 -26.05 -16.88 10.95
N LEU F 51 -25.55 -17.72 11.86
CA LEU F 51 -24.11 -17.89 12.04
C LEU F 51 -23.59 -19.01 11.16
N CYS F 52 -22.28 -19.03 10.95
CA CYS F 52 -21.68 -20.07 10.13
C CYS F 52 -21.33 -21.30 10.95
N GLY F 53 -21.05 -22.39 10.26
CA GLY F 53 -20.64 -23.62 10.90
C GLY F 53 -19.13 -23.71 10.79
N LEU F 54 -18.50 -24.52 11.62
CA LEU F 54 -17.05 -24.67 11.57
C LEU F 54 -16.66 -26.08 11.18
N ILE F 55 -15.82 -26.19 10.16
CA ILE F 55 -15.36 -27.48 9.68
C ILE F 55 -13.94 -27.72 10.15
N MET F 56 -13.69 -28.90 10.70
CA MET F 56 -12.37 -29.27 11.18
C MET F 56 -11.96 -30.58 10.54
N GLU F 57 -10.67 -30.74 10.28
CA GLU F 57 -10.15 -31.97 9.68
C GLU F 57 -9.02 -32.53 10.52
N TYR F 58 -8.84 -33.84 10.45
CA TYR F 58 -7.80 -34.49 11.20
C TYR F 58 -7.33 -35.75 10.49
N GLU F 59 -6.05 -36.06 10.66
N GLU F 59 -6.05 -36.05 10.68
CA GLU F 59 -5.46 -37.25 10.08
CA GLU F 59 -5.44 -37.23 10.10
C GLU F 59 -4.31 -37.69 10.98
C GLU F 59 -4.34 -37.70 11.03
N GLY F 60 -4.04 -38.99 10.99
CA GLY F 60 -2.98 -39.51 11.82
C GLY F 60 -2.87 -41.01 11.82
N LYS F 61 -1.86 -41.51 12.53
CA LYS F 61 -1.62 -42.94 12.65
C LYS F 61 -2.35 -43.37 13.91
N CYS F 62 -3.66 -43.58 13.76
CA CYS F 62 -4.52 -43.98 14.85
C CYS F 62 -5.76 -44.62 14.26
N SER F 63 -6.67 -45.05 15.13
CA SER F 63 -7.90 -45.70 14.69
C SER F 63 -8.94 -44.68 14.25
N LYS F 64 -9.95 -45.17 13.53
CA LYS F 64 -11.05 -44.34 13.04
C LYS F 64 -11.75 -43.70 14.25
N LYS F 65 -11.89 -44.50 15.31
CA LYS F 65 -12.53 -44.05 16.54
C LYS F 65 -11.82 -42.87 17.17
N GLU F 66 -10.49 -42.97 17.30
CA GLU F 66 -9.71 -41.88 17.89
C GLU F 66 -9.73 -40.64 17.00
N ALA F 67 -9.60 -40.84 15.69
CA ALA F 67 -9.61 -39.73 14.74
C ALA F 67 -10.92 -38.94 14.82
N GLU F 68 -12.05 -39.64 14.84
CA GLU F 68 -13.34 -38.97 14.92
C GLU F 68 -13.52 -38.23 16.24
N LYS F 69 -13.10 -38.86 17.35
CA LYS F 69 -13.22 -38.24 18.66
C LYS F 69 -12.41 -36.93 18.70
N THR F 70 -11.20 -36.99 18.15
CA THR F 70 -10.32 -35.84 18.12
C THR F 70 -10.87 -34.70 17.24
N VAL F 71 -11.33 -35.03 16.04
CA VAL F 71 -11.84 -34.00 15.15
C VAL F 71 -13.13 -33.37 15.67
N ARG F 72 -13.93 -34.14 16.40
CA ARG F 72 -15.17 -33.60 16.96
C ARG F 72 -14.83 -32.60 18.06
N GLU F 73 -13.83 -32.94 18.88
CA GLU F 73 -13.40 -32.05 19.96
C GLU F 73 -12.82 -30.77 19.37
N MET F 74 -12.14 -30.87 18.24
CA MET F 74 -11.56 -29.71 17.59
C MET F 74 -12.65 -28.73 17.15
N ALA F 75 -13.75 -29.25 16.64
CA ALA F 75 -14.87 -28.41 16.19
C ALA F 75 -15.52 -27.76 17.40
N LYS F 76 -15.64 -28.52 18.50
CA LYS F 76 -16.23 -28.03 19.74
C LYS F 76 -15.39 -26.85 20.27
N ILE F 77 -14.07 -27.02 20.25
CA ILE F 77 -13.15 -25.98 20.72
C ILE F 77 -13.30 -24.70 19.89
N GLY F 78 -13.49 -24.86 18.58
CA GLY F 78 -13.66 -23.71 17.71
C GLY F 78 -14.88 -22.88 18.08
N PHE F 79 -15.95 -23.56 18.46
CA PHE F 79 -17.16 -22.84 18.88
C PHE F 79 -16.94 -22.19 20.24
N GLU F 80 -16.15 -22.84 21.08
N GLU F 80 -16.14 -22.85 21.08
CA GLU F 80 -15.85 -22.31 22.42
CA GLU F 80 -15.83 -22.34 22.41
C GLU F 80 -15.00 -21.04 22.31
C GLU F 80 -14.99 -21.06 22.31
N MET F 81 -14.10 -21.02 21.32
CA MET F 81 -13.23 -19.86 21.11
C MET F 81 -14.05 -18.66 20.63
N ARG F 82 -15.11 -18.94 19.87
CA ARG F 82 -16.01 -17.91 19.35
C ARG F 82 -17.08 -17.51 20.36
N GLY F 83 -17.37 -18.40 21.30
CA GLY F 83 -18.39 -18.14 22.30
C GLY F 83 -19.78 -18.26 21.69
N TRP F 84 -19.91 -19.15 20.72
CA TRP F 84 -21.19 -19.36 20.04
C TRP F 84 -21.87 -20.64 20.55
N GLU F 85 -23.19 -20.65 20.50
CA GLU F 85 -23.97 -21.80 20.93
C GLU F 85 -23.89 -22.91 19.89
N LEU F 86 -23.45 -24.09 20.33
CA LEU F 86 -23.31 -25.25 19.45
C LEU F 86 -24.58 -26.09 19.48
N ASP F 87 -25.12 -26.35 18.30
CA ASP F 87 -26.33 -27.16 18.12
C ASP F 87 -25.91 -28.63 18.18
N ARG F 88 -24.98 -29.00 17.31
CA ARG F 88 -24.49 -30.37 17.24
C ARG F 88 -23.28 -30.44 16.33
N ILE F 89 -22.67 -31.61 16.26
CA ILE F 89 -21.51 -31.81 15.41
C ILE F 89 -21.74 -33.03 14.56
N GLU F 90 -21.64 -32.86 13.24
CA GLU F 90 -21.79 -33.96 12.29
C GLU F 90 -20.35 -34.34 11.94
N SER F 91 -20.07 -35.64 11.89
CA SER F 91 -18.71 -36.08 11.59
C SER F 91 -18.64 -37.38 10.82
N ILE F 92 -17.48 -37.63 10.25
CA ILE F 92 -17.23 -38.84 9.50
C ILE F 92 -15.76 -39.18 9.66
N ALA F 93 -15.43 -40.45 9.58
CA ALA F 93 -14.04 -40.87 9.69
C ALA F 93 -13.84 -42.14 8.90
N VAL F 94 -12.57 -42.43 8.60
CA VAL F 94 -12.24 -43.63 7.85
C VAL F 94 -10.85 -44.08 8.28
N GLU F 95 -10.63 -45.38 8.30
CA GLU F 95 -9.33 -45.92 8.65
C GLU F 95 -8.89 -46.87 7.55
N HIS F 96 -7.58 -46.98 7.36
CA HIS F 96 -7.03 -47.84 6.33
C HIS F 96 -5.80 -48.54 6.87
N THR F 97 -5.72 -49.84 6.63
CA THR F 97 -4.55 -50.61 7.06
C THR F 97 -3.70 -50.76 5.81
N VAL F 98 -2.55 -50.11 5.82
CA VAL F 98 -1.63 -50.12 4.70
C VAL F 98 -1.13 -51.50 4.31
N GLU F 99 -1.15 -51.78 3.02
CA GLU F 99 -0.65 -53.05 2.50
C GLU F 99 0.76 -52.72 2.02
N LYS F 100 0.86 -51.74 1.11
CA LYS F 100 2.15 -51.30 0.58
C LYS F 100 2.21 -49.78 0.56
N LEU F 101 1.14 -49.15 0.10
CA LEU F 101 1.06 -47.68 0.02
C LEU F 101 -0.41 -47.33 0.04
N GLY F 102 -0.86 -46.70 1.12
CA GLY F 102 -2.26 -46.37 1.23
C GLY F 102 -2.55 -44.95 1.66
N CYS F 103 -3.78 -44.51 1.41
CA CYS F 103 -4.22 -43.17 1.77
C CYS F 103 -5.60 -43.19 2.40
N ALA F 104 -5.74 -42.47 3.51
CA ALA F 104 -7.03 -42.34 4.19
C ALA F 104 -7.43 -40.87 3.94
N PHE F 105 -8.68 -40.65 3.56
CA PHE F 105 -9.17 -39.32 3.21
C PHE F 105 -10.58 -39.03 3.73
N ALA F 106 -10.79 -37.84 4.29
CA ALA F 106 -12.10 -37.43 4.79
C ALA F 106 -12.30 -35.99 4.34
N ALA F 107 -13.51 -35.65 3.91
CA ALA F 107 -13.77 -34.30 3.41
C ALA F 107 -15.17 -33.75 3.64
N ALA F 108 -15.27 -32.42 3.59
CA ALA F 108 -16.52 -31.69 3.69
C ALA F 108 -16.56 -30.90 2.39
N ALA F 109 -17.41 -31.33 1.47
CA ALA F 109 -17.53 -30.67 0.17
C ALA F 109 -18.67 -29.66 0.17
N LEU F 110 -18.37 -28.41 -0.13
CA LEU F 110 -19.37 -27.35 -0.18
C LEU F 110 -19.97 -27.31 -1.59
N TRP F 111 -21.28 -27.36 -1.67
CA TRP F 111 -21.91 -27.33 -2.98
C TRP F 111 -23.19 -26.49 -3.00
N TYR F 112 -24.01 -26.67 -4.03
CA TYR F 112 -25.22 -25.90 -4.20
C TYR F 112 -26.46 -26.77 -4.39
N LYS F 113 -27.58 -26.31 -3.83
CA LYS F 113 -28.85 -27.02 -3.95
C LYS F 113 -29.71 -26.27 -4.95
N PHE G 12 25.88 15.89 9.47
CA PHE G 12 24.96 16.64 8.56
C PHE G 12 25.01 16.11 7.12
N LYS G 13 23.86 16.12 6.46
CA LYS G 13 23.77 15.65 5.09
C LYS G 13 22.46 16.03 4.41
N LEU G 14 22.55 16.21 3.10
CA LEU G 14 21.39 16.55 2.28
C LEU G 14 20.73 15.24 1.86
N PRO G 15 19.46 15.31 1.42
CA PRO G 15 18.77 14.09 0.99
C PRO G 15 19.55 13.45 -0.15
N ASN G 16 19.60 12.12 -0.18
CA ASN G 16 20.32 11.42 -1.23
C ASN G 16 19.44 10.46 -2.03
N THR G 17 18.12 10.56 -1.84
CA THR G 17 17.17 9.72 -2.57
C THR G 17 15.94 10.52 -2.97
N VAL G 18 15.37 10.18 -4.12
CA VAL G 18 14.17 10.82 -4.61
C VAL G 18 13.25 9.72 -5.09
N SER G 19 11.98 9.79 -4.68
CA SER G 19 11.01 8.78 -5.08
C SER G 19 9.80 9.46 -5.68
N LEU G 20 9.39 9.00 -6.87
CA LEU G 20 8.24 9.58 -7.55
C LEU G 20 6.99 8.76 -7.22
N VAL G 21 5.97 9.44 -6.71
CA VAL G 21 4.71 8.78 -6.38
C VAL G 21 3.53 9.62 -6.89
N ALA G 22 2.39 8.97 -7.04
CA ALA G 22 1.20 9.65 -7.52
C ALA G 22 -0.03 8.87 -7.09
N GLY G 23 -1.13 9.58 -6.91
CA GLY G 23 -2.36 8.93 -6.48
C GLY G 23 -3.56 9.83 -6.64
N SER G 24 -4.75 9.25 -6.48
CA SER G 24 -5.97 10.01 -6.60
C SER G 24 -7.01 9.43 -5.67
N SER G 25 -8.04 10.23 -5.36
CA SER G 25 -9.09 9.78 -4.48
C SER G 25 -10.26 10.74 -4.43
N GLU G 26 -11.43 10.20 -4.09
CA GLU G 26 -12.63 11.01 -3.91
C GLU G 26 -12.57 11.41 -2.44
N GLY G 27 -13.39 12.36 -2.03
CA GLY G 27 -13.41 12.76 -0.64
C GLY G 27 -14.63 13.59 -0.30
N GLU G 28 -15.04 13.54 0.97
CA GLU G 28 -16.20 14.29 1.44
C GLU G 28 -15.91 15.80 1.47
N THR G 29 -14.63 16.14 1.60
CA THR G 29 -14.17 17.52 1.62
C THR G 29 -12.87 17.58 0.82
N PRO G 30 -12.44 18.78 0.41
CA PRO G 30 -11.19 18.91 -0.35
C PRO G 30 -9.98 18.31 0.39
N LEU G 31 -9.87 18.61 1.68
CA LEU G 31 -8.75 18.10 2.47
C LEU G 31 -8.80 16.57 2.64
N ASN G 32 -10.01 16.01 2.75
CA ASN G 32 -10.14 14.56 2.88
C ASN G 32 -9.82 13.89 1.54
N ALA G 33 -10.12 14.57 0.44
CA ALA G 33 -9.80 14.03 -0.89
C ALA G 33 -8.28 14.06 -1.07
N PHE G 34 -7.66 15.15 -0.62
CA PHE G 34 -6.21 15.30 -0.71
C PHE G 34 -5.55 14.21 0.12
N ASP G 35 -6.04 14.00 1.33
CA ASP G 35 -5.52 12.96 2.22
C ASP G 35 -5.65 11.61 1.54
N GLY G 36 -6.82 11.36 0.95
CA GLY G 36 -7.06 10.11 0.25
C GLY G 36 -6.09 9.91 -0.90
N ALA G 37 -5.78 10.99 -1.60
CA ALA G 37 -4.86 10.95 -2.74
C ALA G 37 -3.44 10.59 -2.27
N LEU G 38 -3.01 11.17 -1.15
CA LEU G 38 -1.69 10.87 -0.60
C LEU G 38 -1.64 9.40 -0.19
N LEU G 39 -2.71 8.92 0.44
CA LEU G 39 -2.79 7.53 0.87
C LEU G 39 -2.69 6.62 -0.35
N ASN G 40 -3.40 6.98 -1.42
CA ASN G 40 -3.39 6.21 -2.66
C ASN G 40 -1.99 6.21 -3.30
N ALA G 41 -1.24 7.28 -3.04
CA ALA G 41 0.11 7.44 -3.57
C ALA G 41 1.16 6.71 -2.73
N GLY G 42 0.82 6.42 -1.48
CA GLY G 42 1.74 5.73 -0.59
C GLY G 42 2.44 6.58 0.45
N ILE G 43 2.12 7.87 0.50
CA ILE G 43 2.74 8.76 1.49
C ILE G 43 1.70 9.48 2.35
N GLY G 44 0.61 8.79 2.65
CA GLY G 44 -0.44 9.39 3.45
C GLY G 44 -0.18 9.48 4.93
N ASN G 45 0.78 8.71 5.42
CA ASN G 45 1.08 8.72 6.86
C ASN G 45 2.37 9.39 7.28
N VAL G 46 2.83 10.33 6.46
CA VAL G 46 4.03 11.09 6.77
C VAL G 46 3.70 12.57 6.61
N ASN G 47 4.55 13.41 7.18
CA ASN G 47 4.37 14.85 7.08
C ASN G 47 5.11 15.40 5.88
N LEU G 48 4.37 15.96 4.93
CA LEU G 48 5.01 16.53 3.76
C LEU G 48 5.45 17.96 4.03
N ILE G 49 6.72 18.22 3.79
CA ILE G 49 7.28 19.56 3.93
C ILE G 49 7.44 19.96 2.47
N ARG G 50 6.51 20.77 1.96
CA ARG G 50 6.57 21.16 0.56
C ARG G 50 7.79 21.99 0.21
N ILE G 51 8.54 21.51 -0.79
CA ILE G 51 9.71 22.24 -1.26
C ILE G 51 9.31 22.97 -2.55
N SER G 52 9.83 24.18 -2.71
CA SER G 52 9.53 24.97 -3.89
C SER G 52 10.77 25.52 -4.58
C PYR H 1 13.61 20.91 -7.16
O PYR H 1 13.83 20.95 -8.36
CA PYR H 1 12.31 21.21 -6.65
O3 PYR H 1 11.45 21.48 -7.48
CB PYR H 1 11.82 21.24 -5.23
N ILE H 2 14.54 20.60 -6.26
CA ILE H 2 15.91 20.28 -6.66
C ILE H 2 16.39 18.95 -6.07
N MET H 3 16.86 18.06 -6.93
CA MET H 3 17.40 16.79 -6.49
C MET H 3 18.89 17.04 -6.27
N PRO H 4 19.38 16.86 -5.03
CA PRO H 4 20.81 17.10 -4.75
C PRO H 4 21.72 16.25 -5.62
N PRO H 5 22.92 16.77 -5.93
CA PRO H 5 23.89 16.04 -6.76
C PRO H 5 24.15 14.66 -6.18
N GLU H 6 24.32 13.67 -7.06
CA GLU H 6 24.59 12.30 -6.64
C GLU H 6 23.42 11.60 -5.94
N ALA H 7 22.30 12.30 -5.77
CA ALA H 7 21.12 11.68 -5.16
C ALA H 7 20.65 10.67 -6.20
N GLU H 8 19.87 9.69 -5.78
CA GLU H 8 19.42 8.67 -6.71
C GLU H 8 17.91 8.49 -6.67
N ILE H 9 17.32 8.18 -7.82
N ILE H 9 17.30 8.21 -7.83
CA ILE H 9 15.88 7.94 -7.93
CA ILE H 9 15.86 7.96 -7.87
C ILE H 9 15.69 6.49 -7.49
C ILE H 9 15.68 6.51 -7.48
N VAL H 10 14.94 6.29 -6.40
CA VAL H 10 14.71 4.95 -5.89
C VAL H 10 13.24 4.73 -5.57
N PRO H 11 12.82 3.47 -5.41
CA PRO H 11 11.43 3.20 -5.09
C PRO H 11 11.19 3.80 -3.69
N LEU H 12 9.95 4.12 -3.37
CA LEU H 12 9.66 4.72 -2.06
C LEU H 12 10.19 3.87 -0.91
N PRO H 13 11.04 4.44 -0.06
CA PRO H 13 11.62 3.72 1.09
C PRO H 13 10.53 3.50 2.14
N LYS H 14 10.82 2.67 3.13
CA LYS H 14 9.86 2.44 4.21
C LYS H 14 10.00 3.64 5.13
N LEU H 15 9.07 4.58 5.03
CA LEU H 15 9.11 5.80 5.84
C LEU H 15 8.43 5.65 7.19
N PRO H 16 9.09 6.14 8.26
CA PRO H 16 8.52 6.05 9.61
C PRO H 16 7.30 6.98 9.62
N MET H 17 6.19 6.54 10.19
CA MET H 17 5.00 7.37 10.24
C MET H 17 5.32 8.69 10.97
N GLY H 18 4.85 9.79 10.40
CA GLY H 18 5.10 11.08 11.01
C GLY H 18 6.37 11.77 10.57
N ALA H 19 7.19 11.09 9.77
CA ALA H 19 8.44 11.67 9.29
C ALA H 19 8.22 12.98 8.56
N LEU H 20 9.16 13.90 8.71
CA LEU H 20 9.10 15.21 8.05
C LEU H 20 9.83 15.02 6.73
N VAL H 21 9.06 14.74 5.69
CA VAL H 21 9.60 14.46 4.37
C VAL H 21 9.54 15.62 3.38
N PRO H 22 10.72 16.13 2.96
CA PRO H 22 10.81 17.24 1.99
C PRO H 22 10.22 16.69 0.70
N THR H 23 9.15 17.33 0.22
CA THR H 23 8.45 16.82 -0.96
C THR H 23 8.01 17.91 -1.92
N ALA H 24 8.30 17.70 -3.20
CA ALA H 24 7.86 18.61 -4.25
C ALA H 24 6.59 17.94 -4.74
N TYR H 25 5.50 18.68 -4.87
CA TYR H 25 4.28 18.06 -5.35
C TYR H 25 3.31 19.00 -6.04
N GLY H 26 2.42 18.40 -6.82
CA GLY H 26 1.40 19.16 -7.53
C GLY H 26 0.10 18.41 -7.31
N TYR H 27 -1.01 19.15 -7.19
CA TYR H 27 -2.29 18.50 -6.98
C TYR H 27 -3.42 19.36 -7.53
N ILE H 28 -4.55 18.73 -7.78
CA ILE H 28 -5.71 19.43 -8.27
C ILE H 28 -6.97 18.79 -7.69
N ILE H 29 -7.89 19.62 -7.23
CA ILE H 29 -9.14 19.15 -6.64
C ILE H 29 -10.30 19.75 -7.43
N SER H 30 -11.32 18.93 -7.69
CA SER H 30 -12.50 19.37 -8.43
C SER H 30 -13.79 18.74 -7.92
N ASP H 31 -14.87 19.50 -7.95
CA ASP H 31 -16.18 19.02 -7.52
C ASP H 31 -17.16 18.97 -8.68
N VAL H 32 -16.61 18.93 -9.90
CA VAL H 32 -17.41 18.87 -11.12
C VAL H 32 -17.54 17.42 -11.55
N PRO H 33 -18.76 16.85 -11.46
CA PRO H 33 -19.01 15.46 -11.84
C PRO H 33 -18.58 15.17 -13.29
N GLY H 34 -17.92 14.02 -13.47
CA GLY H 34 -17.47 13.63 -14.80
C GLY H 34 -16.20 14.28 -15.30
N GLU H 35 -15.74 15.33 -14.62
CA GLU H 35 -14.52 16.04 -15.04
C GLU H 35 -13.27 15.22 -14.76
N THR H 36 -12.34 15.25 -15.73
CA THR H 36 -11.07 14.53 -15.60
C THR H 36 -9.96 15.49 -15.19
N ILE H 37 -9.27 15.16 -14.11
CA ILE H 37 -8.17 15.98 -13.61
C ILE H 37 -6.91 15.12 -13.49
N SER H 38 -5.75 15.73 -13.70
CA SER H 38 -4.49 14.99 -13.64
C SER H 38 -3.39 15.75 -12.93
N ALA H 39 -2.41 14.99 -12.46
CA ALA H 39 -1.25 15.56 -11.79
C ALA H 39 -0.04 14.75 -12.25
N ALA H 40 1.08 15.43 -12.45
CA ALA H 40 2.29 14.74 -12.90
C ALA H 40 3.53 15.34 -12.28
N ILE H 41 4.58 14.53 -12.21
CA ILE H 41 5.85 14.96 -11.62
C ILE H 41 6.98 14.46 -12.53
N SER H 42 8.01 15.26 -12.68
CA SER H 42 9.15 14.87 -13.51
C SER H 42 10.44 15.30 -12.86
N VAL H 43 11.51 14.61 -13.20
N VAL H 43 11.52 14.62 -13.21
CA VAL H 43 12.84 14.91 -12.69
CA VAL H 43 12.83 14.95 -12.68
C VAL H 43 13.83 14.81 -13.84
C VAL H 43 13.86 14.80 -13.79
N ALA H 44 14.50 15.92 -14.12
CA ALA H 44 15.53 15.93 -15.16
C ALA H 44 16.83 15.64 -14.46
N ILE H 45 17.53 14.61 -14.94
CA ILE H 45 18.80 14.19 -14.36
C ILE H 45 19.91 14.68 -15.27
N PRO H 46 20.91 15.36 -14.70
CA PRO H 46 22.04 15.89 -15.49
C PRO H 46 23.08 14.85 -15.89
N LYS H 47 23.71 15.09 -17.02
CA LYS H 47 24.76 14.23 -17.53
C LYS H 47 25.97 14.43 -16.59
N ASP H 48 26.21 15.68 -16.22
CA ASP H 48 27.30 16.04 -15.31
C ASP H 48 26.79 15.74 -13.90
N LYS H 49 27.35 14.70 -13.29
CA LYS H 49 26.94 14.28 -11.94
C LYS H 49 27.25 15.25 -10.82
N SER H 50 28.01 16.30 -11.10
CA SER H 50 28.33 17.30 -10.07
C SER H 50 27.19 18.31 -9.99
N LEU H 51 26.31 18.27 -10.97
CA LEU H 51 25.15 19.17 -11.03
C LEU H 51 23.94 18.52 -10.38
N CYS H 52 22.90 19.31 -10.15
CA CYS H 52 21.69 18.80 -9.52
C CYS H 52 20.60 18.46 -10.52
N GLY H 53 19.61 17.70 -10.04
CA GLY H 53 18.48 17.34 -10.87
C GLY H 53 17.39 18.38 -10.67
N LEU H 54 16.52 18.53 -11.65
CA LEU H 54 15.44 19.49 -11.55
C LEU H 54 14.09 18.79 -11.50
N ILE H 55 13.33 19.08 -10.45
CA ILE H 55 12.01 18.50 -10.27
C ILE H 55 10.93 19.49 -10.68
N MET H 56 9.98 19.02 -11.50
CA MET H 56 8.88 19.86 -11.95
C MET H 56 7.56 19.17 -11.67
N GLU H 57 6.52 19.97 -11.42
CA GLU H 57 5.20 19.42 -11.15
C GLU H 57 4.17 20.12 -12.02
N TYR H 58 3.10 19.41 -12.33
CA TYR H 58 2.04 19.96 -13.17
C TYR H 58 0.71 19.35 -12.77
N GLU H 59 -0.34 20.15 -12.91
CA GLU H 59 -1.70 19.70 -12.61
C GLU H 59 -2.66 20.46 -13.52
N GLY H 60 -3.77 19.83 -13.87
CA GLY H 60 -4.72 20.49 -14.73
C GLY H 60 -5.90 19.62 -15.10
N LYS H 61 -6.84 20.21 -15.81
CA LYS H 61 -8.03 19.51 -16.27
C LYS H 61 -7.73 18.94 -17.65
N CYS H 62 -6.97 17.85 -17.65
CA CYS H 62 -6.55 17.16 -18.87
C CYS H 62 -6.31 15.69 -18.53
N SER H 63 -5.89 14.92 -19.54
CA SER H 63 -5.62 13.51 -19.36
C SER H 63 -4.23 13.25 -18.76
N LYS H 64 -4.02 12.03 -18.30
CA LYS H 64 -2.76 11.58 -17.70
C LYS H 64 -1.63 11.75 -18.71
N LYS H 65 -1.91 11.36 -19.95
CA LYS H 65 -0.94 11.45 -21.05
C LYS H 65 -0.49 12.89 -21.28
N GLU H 66 -1.45 13.81 -21.35
CA GLU H 66 -1.14 15.22 -21.58
C GLU H 66 -0.40 15.86 -20.41
N ALA H 67 -0.76 15.48 -19.20
CA ALA H 67 -0.11 16.02 -18.01
C ALA H 67 1.36 15.59 -17.96
N GLU H 68 1.62 14.32 -18.27
CA GLU H 68 2.99 13.82 -18.24
C GLU H 68 3.85 14.45 -19.34
N LYS H 69 3.26 14.66 -20.52
CA LYS H 69 4.00 15.26 -21.63
C LYS H 69 4.39 16.68 -21.24
N THR H 70 3.46 17.41 -20.65
CA THR H 70 3.69 18.79 -20.23
C THR H 70 4.77 18.90 -19.15
N VAL H 71 4.67 18.09 -18.12
CA VAL H 71 5.65 18.14 -17.03
C VAL H 71 7.05 17.73 -17.48
N ARG H 72 7.13 16.81 -18.44
CA ARG H 72 8.44 16.40 -18.97
C ARG H 72 9.06 17.57 -19.72
N GLU H 73 8.23 18.28 -20.49
N GLU H 73 8.24 18.28 -20.49
CA GLU H 73 8.69 19.44 -21.25
CA GLU H 73 8.71 19.44 -21.25
C GLU H 73 9.18 20.53 -20.31
C GLU H 73 9.19 20.53 -20.29
N MET H 74 8.46 20.73 -19.19
CA MET H 74 8.82 21.75 -18.21
C MET H 74 10.19 21.50 -17.57
N ALA H 75 10.50 20.23 -17.31
CA ALA H 75 11.79 19.87 -16.73
C ALA H 75 12.89 20.14 -17.76
N LYS H 76 12.62 19.82 -19.02
CA LYS H 76 13.58 20.04 -20.08
C LYS H 76 13.85 21.53 -20.26
N ILE H 77 12.81 22.35 -20.17
CA ILE H 77 12.92 23.80 -20.29
C ILE H 77 13.82 24.34 -19.17
N GLY H 78 13.71 23.75 -17.98
CA GLY H 78 14.52 24.16 -16.85
C GLY H 78 15.99 23.93 -17.11
N PHE H 79 16.32 22.83 -17.78
CA PHE H 79 17.71 22.54 -18.12
C PHE H 79 18.20 23.46 -19.23
N GLU H 80 17.31 23.81 -20.15
N GLU H 80 17.30 23.80 -20.15
CA GLU H 80 17.64 24.71 -21.24
CA GLU H 80 17.65 24.70 -21.26
C GLU H 80 18.00 26.07 -20.68
C GLU H 80 17.98 26.09 -20.71
N MET H 81 17.23 26.53 -19.70
CA MET H 81 17.47 27.82 -19.08
C MET H 81 18.81 27.90 -18.36
N ARG H 82 19.24 26.76 -17.81
CA ARG H 82 20.52 26.67 -17.12
C ARG H 82 21.67 26.34 -18.07
N GLY H 83 21.32 25.80 -19.23
CA GLY H 83 22.33 25.41 -20.21
C GLY H 83 23.01 24.11 -19.82
N TRP H 84 22.25 23.22 -19.18
CA TRP H 84 22.78 21.93 -18.73
C TRP H 84 22.44 20.75 -19.62
N GLU H 85 23.41 19.86 -19.80
CA GLU H 85 23.22 18.66 -20.61
C GLU H 85 22.33 17.69 -19.86
N LEU H 86 21.46 17.01 -20.61
CA LEU H 86 20.51 16.06 -20.06
C LEU H 86 20.90 14.59 -20.16
N ASP H 87 20.74 13.86 -19.06
CA ASP H 87 21.01 12.43 -19.03
C ASP H 87 19.66 11.82 -19.42
N ARG H 88 18.64 12.09 -18.61
CA ARG H 88 17.30 11.58 -18.84
C ARG H 88 16.28 12.30 -17.97
N ILE H 89 15.02 12.08 -18.27
CA ILE H 89 13.93 12.65 -17.49
C ILE H 89 13.03 11.51 -17.07
N GLU H 90 12.83 11.37 -15.77
CA GLU H 90 11.95 10.34 -15.24
C GLU H 90 10.68 11.04 -14.79
N SER H 91 9.53 10.43 -15.07
CA SER H 91 8.27 11.04 -14.71
C SER H 91 7.16 10.03 -14.48
N ILE H 92 6.09 10.50 -13.86
CA ILE H 92 4.90 9.70 -13.61
C ILE H 92 3.72 10.65 -13.54
N ALA H 93 2.54 10.13 -13.83
CA ALA H 93 1.34 10.93 -13.81
C ALA H 93 0.16 10.09 -13.35
N VAL H 94 -0.95 10.76 -13.05
CA VAL H 94 -2.15 10.09 -12.61
C VAL H 94 -3.33 10.95 -13.01
N GLU H 95 -4.45 10.30 -13.33
CA GLU H 95 -5.65 11.02 -13.68
C GLU H 95 -6.80 10.50 -12.82
N HIS H 96 -7.82 11.34 -12.65
CA HIS H 96 -8.98 10.98 -11.85
C HIS H 96 -10.23 11.59 -12.46
N THR H 97 -11.28 10.77 -12.61
CA THR H 97 -12.54 11.24 -13.14
C THR H 97 -13.44 11.49 -11.92
N VAL H 98 -13.73 12.76 -11.68
CA VAL H 98 -14.56 13.18 -10.54
C VAL H 98 -15.98 12.62 -10.54
N GLU H 99 -16.35 11.99 -9.42
CA GLU H 99 -17.69 11.45 -9.24
C GLU H 99 -18.48 12.52 -8.50
N LYS H 100 -17.95 12.96 -7.37
CA LYS H 100 -18.56 13.99 -6.54
C LYS H 100 -17.52 15.05 -6.20
N LEU H 101 -16.38 14.60 -5.67
CA LEU H 101 -15.29 15.49 -5.29
C LEU H 101 -14.00 14.66 -5.28
N GLY H 102 -13.10 14.95 -6.21
CA GLY H 102 -11.87 14.18 -6.29
C GLY H 102 -10.59 15.00 -6.33
N CYS H 103 -9.47 14.32 -6.12
CA CYS H 103 -8.16 14.95 -6.11
C CYS H 103 -7.10 14.09 -6.80
N ALA H 104 -6.30 14.71 -7.67
CA ALA H 104 -5.21 14.03 -8.35
C ALA H 104 -3.95 14.63 -7.74
N PHE H 105 -2.97 13.77 -7.42
CA PHE H 105 -1.76 14.21 -6.75
C PHE H 105 -0.50 13.49 -7.27
N ALA H 106 0.58 14.25 -7.45
CA ALA H 106 1.83 13.67 -7.91
C ALA H 106 2.96 14.33 -7.12
N ALA H 107 3.95 13.54 -6.70
CA ALA H 107 5.03 14.08 -5.90
C ALA H 107 6.39 13.41 -6.05
N ALA H 108 7.41 14.13 -5.61
CA ALA H 108 8.78 13.66 -5.59
C ALA H 108 9.19 13.79 -4.12
N ALA H 109 9.33 12.67 -3.44
CA ALA H 109 9.70 12.67 -2.03
C ALA H 109 11.20 12.48 -1.84
N LEU H 110 11.82 13.43 -1.15
N LEU H 110 11.82 13.43 -1.15
CA LEU H 110 13.25 13.38 -0.88
CA LEU H 110 13.26 13.37 -0.88
C LEU H 110 13.49 12.72 0.47
C LEU H 110 13.51 12.73 0.47
N TRP H 111 14.42 11.76 0.50
CA TRP H 111 14.73 11.08 1.76
C TRP H 111 16.21 10.72 1.85
N TYR H 112 16.54 9.82 2.78
CA TYR H 112 17.91 9.42 3.04
C TYR H 112 18.07 7.91 3.04
N LYS H 113 19.17 7.44 2.46
CA LYS H 113 19.47 6.01 2.39
C LYS H 113 19.64 5.36 3.76
N GLU I 4 18.75 23.60 20.79
CA GLU I 4 18.14 23.97 19.48
C GLU I 4 18.14 22.78 18.53
N ILE I 5 17.19 22.79 17.58
CA ILE I 5 17.10 21.70 16.62
C ILE I 5 16.38 22.09 15.33
N ASN I 6 17.00 21.79 14.20
CA ASN I 6 16.42 22.06 12.89
C ASN I 6 15.84 20.72 12.44
N PRO I 7 14.51 20.58 12.50
CA PRO I 7 13.81 19.35 12.09
C PRO I 7 14.02 18.96 10.62
N LEU I 8 14.38 19.93 9.79
CA LEU I 8 14.62 19.69 8.37
C LEU I 8 15.96 18.99 8.16
N HIS I 9 16.89 19.19 9.10
CA HIS I 9 18.20 18.58 9.03
C HIS I 9 18.28 17.32 9.89
N ALA I 10 17.64 17.36 11.06
CA ALA I 10 17.61 16.23 11.97
C ALA I 10 16.43 15.33 11.61
N TYR I 11 16.45 14.80 10.39
CA TYR I 11 15.39 13.93 9.88
C TYR I 11 15.19 12.68 10.74
N PHE I 12 16.25 12.25 11.40
CA PHE I 12 16.22 11.06 12.25
C PHE I 12 15.51 11.27 13.58
N LYS I 13 15.34 12.53 13.98
CA LYS I 13 14.68 12.85 15.24
C LYS I 13 13.31 13.46 14.96
N LEU I 14 12.27 12.62 15.00
CA LEU I 14 10.90 13.07 14.75
C LEU I 14 10.30 13.72 15.98
N PRO I 15 9.41 14.72 15.77
CA PRO I 15 8.78 15.40 16.91
C PRO I 15 8.01 14.37 17.72
N ASN I 16 7.98 14.55 19.03
CA ASN I 16 7.25 13.63 19.89
C ASN I 16 6.17 14.31 20.72
N THR I 17 5.85 15.56 20.36
CA THR I 17 4.80 16.28 21.04
C THR I 17 4.01 17.11 20.04
N VAL I 18 2.75 17.39 20.39
N VAL I 18 2.76 17.39 20.40
CA VAL I 18 1.87 18.20 19.56
CA VAL I 18 1.84 18.18 19.59
C VAL I 18 1.10 19.11 20.51
C VAL I 18 1.13 19.12 20.55
N SER I 19 0.97 20.38 20.13
CA SER I 19 0.28 21.37 20.94
C SER I 19 -0.72 22.14 20.10
N LEU I 20 -1.95 22.25 20.60
CA LEU I 20 -2.99 22.96 19.89
C LEU I 20 -3.08 24.39 20.38
N VAL I 21 -3.06 25.33 19.44
CA VAL I 21 -3.15 26.75 19.76
C VAL I 21 -4.09 27.45 18.77
N ALA I 22 -4.57 28.61 19.14
CA ALA I 22 -5.47 29.36 18.28
C ALA I 22 -5.48 30.81 18.71
N GLY I 23 -5.76 31.69 17.77
CA GLY I 23 -5.81 33.10 18.07
C GLY I 23 -6.38 33.87 16.92
N SER I 24 -6.66 35.15 17.14
CA SER I 24 -7.20 36.01 16.11
C SER I 24 -6.68 37.42 16.34
N SER I 25 -6.76 38.26 15.32
CA SER I 25 -6.30 39.63 15.44
C SER I 25 -6.68 40.48 14.25
N GLU I 26 -6.76 41.79 14.51
CA GLU I 26 -7.03 42.76 13.47
C GLU I 26 -5.64 43.11 12.94
N GLY I 27 -5.59 43.75 11.78
CA GLY I 27 -4.31 44.14 11.22
C GLY I 27 -4.47 45.12 10.08
N GLU I 28 -3.43 45.93 9.85
CA GLU I 28 -3.47 46.92 8.78
C GLU I 28 -3.39 46.25 7.40
N THR I 29 -2.75 45.10 7.35
CA THR I 29 -2.61 44.33 6.11
C THR I 29 -2.90 42.87 6.44
N PRO I 30 -3.17 42.04 5.43
CA PRO I 30 -3.45 40.62 5.68
C PRO I 30 -2.32 39.94 6.45
N LEU I 31 -1.08 40.22 6.06
CA LEU I 31 0.09 39.62 6.71
C LEU I 31 0.28 40.12 8.15
N ASN I 32 -0.02 41.39 8.39
CA ASN I 32 0.11 41.94 9.74
C ASN I 32 -0.96 41.34 10.65
N ALA I 33 -2.15 41.09 10.10
CA ALA I 33 -3.23 40.49 10.87
C ALA I 33 -2.88 39.03 11.18
N PHE I 34 -2.25 38.36 10.22
CA PHE I 34 -1.83 36.96 10.39
C PHE I 34 -0.80 36.94 11.53
N ASP I 35 0.18 37.83 11.45
CA ASP I 35 1.23 37.96 12.46
C ASP I 35 0.58 38.21 13.83
N GLY I 36 -0.43 39.08 13.85
CA GLY I 36 -1.13 39.39 15.08
C GLY I 36 -1.84 38.17 15.65
N ALA I 37 -2.41 37.36 14.76
CA ALA I 37 -3.13 36.14 15.17
C ALA I 37 -2.15 35.14 15.78
N LEU I 38 -0.96 35.02 15.19
CA LEU I 38 0.05 34.11 15.72
C LEU I 38 0.51 34.59 17.09
N LEU I 39 0.67 35.90 17.24
CA LEU I 39 1.08 36.46 18.51
C LEU I 39 0.05 36.16 19.59
N ASN I 40 -1.23 36.29 19.25
CA ASN I 40 -2.34 36.03 20.15
C ASN I 40 -2.39 34.54 20.51
N ALA I 41 -1.99 33.70 19.56
CA ALA I 41 -1.98 32.25 19.75
C ALA I 41 -0.77 31.77 20.57
N GLY I 42 0.17 32.68 20.80
CA GLY I 42 1.36 32.36 21.56
C GLY I 42 2.53 31.79 20.78
N ILE I 43 2.46 31.93 19.46
N ILE I 43 2.48 31.89 19.45
CA ILE I 43 3.49 31.38 18.58
CA ILE I 43 3.56 31.39 18.60
C ILE I 43 3.91 32.44 17.54
C ILE I 43 3.98 32.44 17.56
N GLY I 44 3.90 33.70 17.95
CA GLY I 44 4.26 34.80 17.05
C GLY I 44 5.72 35.05 16.76
N ASN I 45 6.62 34.58 17.61
CA ASN I 45 8.04 34.82 17.40
C ASN I 45 8.88 33.60 17.00
N VAL I 46 8.23 32.67 16.30
CA VAL I 46 8.92 31.49 15.80
C VAL I 46 8.56 31.32 14.34
N ASN I 47 9.34 30.52 13.63
CA ASN I 47 9.09 30.27 12.22
C ASN I 47 8.24 29.02 12.06
N LEU I 48 7.13 29.17 11.34
CA LEU I 48 6.26 28.04 11.10
C LEU I 48 6.59 27.37 9.78
N ILE I 49 6.86 26.06 9.85
N ILE I 49 6.87 26.07 9.84
CA ILE I 49 7.14 25.26 8.68
CA ILE I 49 7.14 25.29 8.63
C ILE I 49 5.85 24.48 8.46
C ILE I 49 5.87 24.50 8.44
N ARG I 50 5.00 24.98 7.55
CA ARG I 50 3.74 24.34 7.28
C ARG I 50 3.87 22.90 6.79
N ILE I 51 3.23 21.98 7.51
CA ILE I 51 3.25 20.58 7.14
C ILE I 51 1.95 20.29 6.39
N SER I 52 2.00 19.38 5.42
CA SER I 52 0.81 19.06 4.65
C SER I 52 0.59 17.58 4.39
C PYR J 1 -0.83 15.45 9.88
O PYR J 1 -1.88 14.82 9.97
CA PYR J 1 -0.81 16.74 9.28
O3 PYR J 1 -1.87 17.18 8.85
CB PYR J 1 0.36 17.65 9.08
N ILE J 2 0.33 14.98 10.33
CA ILE J 2 0.45 13.67 10.97
C ILE J 2 1.15 13.76 12.33
N MET J 3 0.48 13.25 13.36
CA MET J 3 1.08 13.22 14.69
C MET J 3 1.82 11.88 14.74
N PRO J 4 3.16 11.93 14.94
CA PRO J 4 3.94 10.68 14.99
C PRO J 4 3.46 9.73 16.08
N PRO J 5 3.63 8.42 15.87
CA PRO J 5 3.21 7.42 16.84
C PRO J 5 3.85 7.67 18.19
N GLU J 6 3.06 7.46 19.25
CA GLU J 6 3.52 7.63 20.63
C GLU J 6 3.70 9.09 21.05
N ALA J 7 3.49 10.03 20.11
CA ALA J 7 3.62 11.45 20.42
C ALA J 7 2.55 11.82 21.44
N GLU J 8 2.86 12.80 22.29
CA GLU J 8 1.93 13.23 23.33
C GLU J 8 1.40 14.64 23.10
N ILE J 9 0.11 14.83 23.37
CA ILE J 9 -0.51 16.15 23.25
C ILE J 9 -0.16 16.86 24.54
N VAL J 10 0.55 17.98 24.42
CA VAL J 10 1.00 18.74 25.58
C VAL J 10 0.77 20.24 25.43
N PRO J 11 0.81 20.99 26.55
CA PRO J 11 0.61 22.43 26.49
C PRO J 11 1.78 22.99 25.68
N LEU J 12 1.56 24.10 24.98
CA LEU J 12 2.62 24.70 24.16
C LEU J 12 3.86 24.91 25.01
N PRO J 13 4.98 24.30 24.61
CA PRO J 13 6.28 24.41 25.30
C PRO J 13 6.88 25.79 25.07
N LYS J 14 7.93 26.10 25.83
CA LYS J 14 8.62 27.37 25.66
C LYS J 14 9.47 27.18 24.41
N LEU J 15 9.17 27.94 23.38
CA LEU J 15 9.89 27.85 22.11
C LEU J 15 10.90 28.98 21.96
N PRO J 16 12.14 28.64 21.57
CA PRO J 16 13.18 29.67 21.38
C PRO J 16 12.76 30.57 20.22
N MET J 17 12.99 31.87 20.33
CA MET J 17 12.62 32.79 19.26
C MET J 17 13.34 32.39 17.96
N GLY J 18 12.58 32.35 16.87
CA GLY J 18 13.15 31.98 15.59
C GLY J 18 13.13 30.50 15.29
N ALA J 19 12.68 29.68 16.24
CA ALA J 19 12.62 28.24 16.05
C ALA J 19 11.88 27.84 14.78
N LEU J 20 12.34 26.78 14.15
CA LEU J 20 11.71 26.24 12.94
C LEU J 20 10.75 25.18 13.45
N VAL J 21 9.48 25.55 13.60
CA VAL J 21 8.46 24.67 14.13
C VAL J 21 7.54 24.03 13.08
N PRO J 22 7.57 22.68 12.94
CA PRO J 22 6.70 22.01 11.97
C PRO J 22 5.29 22.23 12.50
N THR J 23 4.43 22.85 11.69
CA THR J 23 3.08 23.17 12.15
C THR J 23 1.99 22.95 11.10
N ALA J 24 0.89 22.37 11.53
CA ALA J 24 -0.28 22.18 10.67
C ALA J 24 -1.20 23.30 11.11
N TYR J 25 -1.66 24.12 10.17
CA TYR J 25 -2.55 25.21 10.54
C TYR J 25 -3.57 25.61 9.50
N GLY J 26 -4.62 26.26 9.98
CA GLY J 26 -5.68 26.73 9.13
C GLY J 26 -5.87 28.19 9.49
N TYR J 27 -6.19 29.02 8.52
CA TYR J 27 -6.40 30.44 8.79
C TYR J 27 -7.29 31.04 7.73
N ILE J 28 -7.89 32.17 8.08
CA ILE J 28 -8.77 32.88 7.16
C ILE J 28 -8.65 34.37 7.46
N ILE J 29 -8.60 35.16 6.41
CA ILE J 29 -8.50 36.61 6.54
C ILE J 29 -9.66 37.26 5.80
N SER J 30 -10.27 38.24 6.44
CA SER J 30 -11.40 38.96 5.85
C SER J 30 -11.33 40.46 6.13
N ASP J 31 -11.71 41.24 5.13
CA ASP J 31 -11.73 42.70 5.27
C ASP J 31 -13.17 43.22 5.15
N VAL J 32 -14.12 42.36 5.48
CA VAL J 32 -15.54 42.69 5.45
C VAL J 32 -16.02 42.96 6.87
N PRO J 33 -16.27 44.23 7.22
CA PRO J 33 -16.74 44.62 8.55
C PRO J 33 -17.97 43.84 8.99
N GLY J 34 -17.93 43.33 10.23
CA GLY J 34 -19.04 42.58 10.77
C GLY J 34 -19.04 41.09 10.47
N GLU J 35 -18.23 40.66 9.51
CA GLU J 35 -18.16 39.25 9.14
C GLU J 35 -17.47 38.42 10.21
N THR J 36 -18.05 37.25 10.51
CA THR J 36 -17.48 36.35 11.51
C THR J 36 -16.72 35.22 10.81
N ILE J 37 -15.43 35.13 11.11
CA ILE J 37 -14.57 34.12 10.53
C ILE J 37 -14.01 33.21 11.61
N SER J 38 -13.77 31.95 11.26
CA SER J 38 -13.27 30.98 12.22
C SER J 38 -12.22 30.05 11.64
N ALA J 39 -11.44 29.45 12.52
CA ALA J 39 -10.41 28.49 12.14
C ALA J 39 -10.41 27.41 13.21
N ALA J 40 -10.18 26.17 12.80
CA ALA J 40 -10.18 25.05 13.74
C ALA J 40 -9.15 23.99 13.39
N ILE J 41 -8.74 23.24 14.41
CA ILE J 41 -7.76 22.17 14.27
C ILE J 41 -8.23 20.97 15.08
N SER J 42 -8.03 19.78 14.53
CA SER J 42 -8.40 18.56 15.22
C SER J 42 -7.28 17.54 15.09
N VAL J 43 -7.14 16.70 16.10
CA VAL J 43 -6.13 15.66 16.11
C VAL J 43 -6.80 14.37 16.49
N ALA J 44 -6.90 13.46 15.53
CA ALA J 44 -7.50 12.14 15.75
C ALA J 44 -6.41 11.22 16.27
N ILE J 45 -6.66 10.65 17.46
CA ILE J 45 -5.71 9.75 18.12
C ILE J 45 -6.17 8.31 17.94
N PRO J 46 -5.23 7.41 17.57
CA PRO J 46 -5.57 6.00 17.36
C PRO J 46 -5.59 5.14 18.64
N LYS J 47 -6.33 4.04 18.58
CA LYS J 47 -6.40 3.09 19.68
C LYS J 47 -5.13 2.24 19.62
N ASP J 48 -4.68 1.94 18.40
CA ASP J 48 -3.45 1.18 18.19
C ASP J 48 -2.32 2.20 18.26
N LYS J 49 -1.58 2.16 19.37
CA LYS J 49 -0.49 3.11 19.59
C LYS J 49 0.71 3.03 18.65
N SER J 50 0.79 1.96 17.86
CA SER J 50 1.88 1.84 16.90
C SER J 50 1.56 2.70 15.68
N LEU J 51 0.30 3.13 15.59
CA LEU J 51 -0.15 3.97 14.48
C LEU J 51 -0.03 5.46 14.80
N CYS J 52 -0.17 6.28 13.77
CA CYS J 52 -0.06 7.72 13.93
C CYS J 52 -1.41 8.41 14.10
N GLY J 53 -1.36 9.68 14.52
CA GLY J 53 -2.57 10.47 14.67
C GLY J 53 -2.72 11.30 13.41
N LEU J 54 -3.94 11.77 13.16
CA LEU J 54 -4.21 12.59 11.97
C LEU J 54 -4.65 13.98 12.38
N ILE J 55 -3.98 14.99 11.83
CA ILE J 55 -4.29 16.37 12.14
C ILE J 55 -5.07 16.97 10.96
N MET J 56 -6.21 17.57 11.24
CA MET J 56 -7.01 18.20 10.19
C MET J 56 -7.20 19.68 10.52
N GLU J 57 -7.33 20.50 9.49
CA GLU J 57 -7.53 21.93 9.69
C GLU J 57 -8.71 22.42 8.87
N TYR J 58 -9.38 23.44 9.38
CA TYR J 58 -10.53 24.02 8.70
C TYR J 58 -10.63 25.52 9.00
N GLU J 59 -11.21 26.24 8.05
CA GLU J 59 -11.41 27.68 8.19
C GLU J 59 -12.62 28.06 7.34
N GLY J 60 -13.31 29.12 7.74
CA GLY J 60 -14.47 29.54 6.97
C GLY J 60 -15.26 30.66 7.61
N LYS J 61 -16.20 31.18 6.84
CA LYS J 61 -17.08 32.26 7.31
C LYS J 61 -18.22 31.58 8.04
N CYS J 62 -17.93 31.18 9.28
CA CYS J 62 -18.89 30.50 10.14
C CYS J 62 -18.52 30.74 11.59
N SER J 63 -19.30 30.18 12.51
CA SER J 63 -19.05 30.32 13.93
C SER J 63 -17.96 29.36 14.39
N LYS J 64 -17.46 29.59 15.60
CA LYS J 64 -16.42 28.76 16.22
C LYS J 64 -16.95 27.34 16.40
N LYS J 65 -18.22 27.23 16.77
CA LYS J 65 -18.87 25.94 16.98
C LYS J 65 -18.95 25.12 15.69
N GLU J 66 -19.36 25.76 14.60
CA GLU J 66 -19.46 25.06 13.32
C GLU J 66 -18.09 24.62 12.82
N ALA J 67 -17.10 25.50 12.95
CA ALA J 67 -15.74 25.19 12.51
C ALA J 67 -15.19 23.97 13.23
N GLU J 68 -15.35 23.93 14.55
CA GLU J 68 -14.86 22.81 15.34
C GLU J 68 -15.60 21.52 15.00
N LYS J 69 -16.92 21.61 14.84
CA LYS J 69 -17.71 20.42 14.49
C LYS J 69 -17.24 19.85 13.15
N THR J 70 -17.03 20.74 12.18
CA THR J 70 -16.57 20.34 10.85
C THR J 70 -15.17 19.71 10.86
N VAL J 71 -14.21 20.34 11.52
CA VAL J 71 -12.84 19.82 11.58
C VAL J 71 -12.76 18.46 12.30
N ARG J 72 -13.60 18.26 13.31
CA ARG J 72 -13.60 16.99 14.03
C ARG J 72 -14.11 15.89 13.11
N GLU J 73 -15.14 16.21 12.32
N GLU J 73 -15.13 16.23 12.32
CA GLU J 73 -15.71 15.24 11.39
CA GLU J 73 -15.73 15.29 11.38
C GLU J 73 -14.69 14.88 10.31
C GLU J 73 -14.71 14.89 10.32
N MET J 74 -13.90 15.86 9.88
CA MET J 74 -12.87 15.62 8.87
C MET J 74 -11.82 14.64 9.38
N ALA J 75 -11.49 14.74 10.67
CA ALA J 75 -10.51 13.86 11.28
C ALA J 75 -11.09 12.45 11.38
N LYS J 76 -12.38 12.37 11.71
CA LYS J 76 -13.06 11.09 11.82
C LYS J 76 -13.06 10.40 10.45
N ILE J 77 -13.35 11.15 9.41
CA ILE J 77 -13.37 10.64 8.04
C ILE J 77 -11.99 10.10 7.65
N GLY J 78 -10.95 10.82 8.05
CA GLY J 78 -9.58 10.39 7.74
C GLY J 78 -9.26 9.04 8.33
N PHE J 79 -9.76 8.77 9.53
CA PHE J 79 -9.51 7.48 10.17
C PHE J 79 -10.35 6.39 9.52
N GLU J 80 -11.56 6.74 9.07
CA GLU J 80 -12.44 5.78 8.40
C GLU J 80 -11.83 5.38 7.06
N MET J 81 -11.21 6.34 6.37
CA MET J 81 -10.57 6.06 5.09
C MET J 81 -9.39 5.11 5.28
N ARG J 82 -8.73 5.21 6.42
CA ARG J 82 -7.60 4.35 6.75
C ARG J 82 -8.07 3.04 7.37
N GLY J 83 -9.31 3.02 7.83
CA GLY J 83 -9.86 1.84 8.47
C GLY J 83 -9.21 1.59 9.81
N TRP J 84 -8.83 2.66 10.50
CA TRP J 84 -8.18 2.56 11.81
C TRP J 84 -9.17 2.86 12.92
N GLU J 85 -9.02 2.17 14.05
CA GLU J 85 -9.91 2.39 15.18
C GLU J 85 -9.55 3.70 15.86
N LEU J 86 -10.53 4.58 15.98
CA LEU J 86 -10.36 5.89 16.59
C LEU J 86 -10.52 5.87 18.11
N ASP J 87 -9.53 6.42 18.81
CA ASP J 87 -9.55 6.50 20.28
C ASP J 87 -10.37 7.72 20.67
N ARG J 88 -9.95 8.88 20.19
CA ARG J 88 -10.64 10.13 20.47
C ARG J 88 -10.09 11.24 19.57
N ILE J 89 -10.73 12.40 19.63
CA ILE J 89 -10.31 13.55 18.85
C ILE J 89 -10.16 14.76 19.76
N GLU J 90 -8.99 15.40 19.69
CA GLU J 90 -8.72 16.60 20.46
C GLU J 90 -8.86 17.72 19.46
N SER J 91 -9.45 18.83 19.86
CA SER J 91 -9.63 19.95 18.95
C SER J 91 -9.62 21.30 19.64
N ILE J 92 -9.49 22.34 18.83
CA ILE J 92 -9.47 23.71 19.28
C ILE J 92 -9.99 24.56 18.13
N ALA J 93 -10.64 25.66 18.46
CA ALA J 93 -11.17 26.55 17.44
C ALA J 93 -11.21 27.96 17.96
N VAL J 94 -11.32 28.92 17.04
CA VAL J 94 -11.37 30.32 17.40
C VAL J 94 -12.22 31.06 16.37
N GLU J 95 -12.93 32.08 16.83
CA GLU J 95 -13.73 32.88 15.93
C GLU J 95 -13.36 34.34 16.09
N HIS J 96 -13.51 35.10 15.02
CA HIS J 96 -13.19 36.52 15.04
C HIS J 96 -14.23 37.31 14.27
N THR J 97 -14.65 38.43 14.84
CA THR J 97 -15.61 39.30 14.18
C THR J 97 -14.82 40.47 13.63
N VAL J 98 -14.71 40.51 12.31
CA VAL J 98 -13.95 41.55 11.62
C VAL J 98 -14.44 42.98 11.88
N GLU J 99 -13.50 43.84 12.27
CA GLU J 99 -13.81 45.24 12.51
C GLU J 99 -13.47 45.97 11.21
N LYS J 100 -12.23 45.79 10.75
CA LYS J 100 -11.75 46.38 9.51
C LYS J 100 -11.05 45.32 8.67
N LEU J 101 -10.13 44.59 9.29
CA LEU J 101 -9.38 43.52 8.62
C LEU J 101 -8.92 42.57 9.71
N GLY J 102 -9.45 41.36 9.70
CA GLY J 102 -9.09 40.40 10.72
C GLY J 102 -8.65 39.04 10.22
N CYS J 103 -8.07 38.26 11.13
CA CYS J 103 -7.58 36.92 10.82
C CYS J 103 -7.85 35.96 11.96
N ALA J 104 -8.38 34.78 11.63
CA ALA J 104 -8.64 33.72 12.60
C ALA J 104 -7.60 32.66 12.27
N PHE J 105 -6.96 32.09 13.30
CA PHE J 105 -5.89 31.11 13.09
C PHE J 105 -5.91 29.99 14.14
N ALA J 106 -5.72 28.75 13.67
CA ALA J 106 -5.68 27.60 14.59
C ALA J 106 -4.56 26.68 14.11
N ALA J 107 -3.80 26.14 15.04
CA ALA J 107 -2.68 25.29 14.66
C ALA J 107 -2.36 24.16 15.62
N ALA J 108 -1.62 23.19 15.08
CA ALA J 108 -1.13 22.05 15.84
C ALA J 108 0.38 22.11 15.60
N ALA J 109 1.11 22.52 16.63
CA ALA J 109 2.56 22.66 16.53
C ALA J 109 3.26 21.40 17.05
N LEU J 110 4.14 20.84 16.22
CA LEU J 110 4.89 19.65 16.58
C LEU J 110 6.21 20.08 17.19
N TRP J 111 6.58 19.47 18.31
CA TRP J 111 7.85 19.81 18.95
C TRP J 111 8.46 18.62 19.66
N TYR J 112 9.41 18.89 20.56
CA TYR J 112 10.13 17.84 21.27
C TYR J 112 10.09 17.98 22.79
N LYS J 113 10.27 16.85 23.48
CA LYS J 113 10.30 16.83 24.94
C LYS J 113 11.29 15.76 25.42
N ALA K 10 26.56 21.86 13.75
CA ALA K 10 26.07 23.27 13.84
C ALA K 10 24.81 23.47 13.02
N TYR K 11 24.70 22.73 11.92
CA TYR K 11 23.54 22.82 11.04
C TYR K 11 22.29 22.18 11.65
N PHE K 12 22.47 21.48 12.77
CA PHE K 12 21.35 20.85 13.46
C PHE K 12 20.68 21.84 14.41
N LYS K 13 21.30 23.02 14.57
CA LYS K 13 20.78 24.08 15.43
C LYS K 13 19.99 25.07 14.58
N LEU K 14 19.62 26.21 15.17
CA LEU K 14 18.87 27.24 14.44
C LEU K 14 19.75 28.06 13.52
N PRO K 15 19.19 28.51 12.38
CA PRO K 15 19.93 29.32 11.41
C PRO K 15 20.43 30.59 12.08
N ASN K 16 21.64 31.02 11.70
CA ASN K 16 22.21 32.22 12.29
C ASN K 16 22.54 33.31 11.28
N THR K 17 22.07 33.14 10.04
CA THR K 17 22.28 34.14 9.00
C THR K 17 21.03 34.29 8.16
N VAL K 18 20.84 35.48 7.59
N VAL K 18 20.86 35.48 7.59
CA VAL K 18 19.71 35.74 6.72
CA VAL K 18 19.72 35.78 6.73
C VAL K 18 20.22 36.55 5.53
C VAL K 18 20.26 36.53 5.52
N SER K 19 19.80 36.16 4.34
CA SER K 19 20.23 36.82 3.12
C SER K 19 19.03 37.25 2.30
N LEU K 20 19.01 38.52 1.91
N LEU K 20 19.01 38.52 1.90
CA LEU K 20 17.92 39.05 1.10
CA LEU K 20 17.92 39.06 1.10
C LEU K 20 18.31 38.95 -0.37
C LEU K 20 18.29 38.98 -0.38
N VAL K 21 17.45 38.30 -1.16
CA VAL K 21 17.68 38.14 -2.59
C VAL K 21 16.40 38.42 -3.36
N ALA K 22 16.54 38.76 -4.63
CA ALA K 22 15.38 39.04 -5.47
C ALA K 22 15.75 38.87 -6.92
N GLY K 23 14.76 38.51 -7.73
CA GLY K 23 15.00 38.32 -9.14
C GLY K 23 13.69 38.24 -9.89
N SER K 24 13.78 38.27 -11.22
CA SER K 24 12.61 38.18 -12.06
C SER K 24 12.98 37.49 -13.36
N SER K 25 11.96 36.97 -14.04
CA SER K 25 12.19 36.26 -15.28
C SER K 25 10.93 35.93 -16.04
N GLU K 26 11.09 35.77 -17.35
CA GLU K 26 9.98 35.36 -18.20
C GLU K 26 10.06 33.84 -18.18
N GLY K 27 9.00 33.17 -18.64
CA GLY K 27 9.01 31.72 -18.66
C GLY K 27 7.91 31.18 -19.55
N GLU K 28 8.10 29.97 -20.05
CA GLU K 28 7.11 29.34 -20.93
C GLU K 28 5.86 28.89 -20.15
N THR K 29 6.03 28.69 -18.85
CA THR K 29 4.93 28.30 -17.96
C THR K 29 5.17 29.04 -16.64
N PRO K 30 4.14 29.14 -15.79
CA PRO K 30 4.31 29.84 -14.51
C PRO K 30 5.46 29.25 -13.68
N LEU K 31 5.53 27.93 -13.62
CA LEU K 31 6.58 27.26 -12.85
C LEU K 31 7.97 27.51 -13.44
N ASN K 32 8.06 27.55 -14.77
CA ASN K 32 9.35 27.82 -15.41
C ASN K 32 9.75 29.27 -15.17
N ALA K 33 8.76 30.17 -15.13
CA ALA K 33 9.03 31.58 -14.89
C ALA K 33 9.53 31.75 -13.45
N PHE K 34 8.91 31.02 -12.53
CA PHE K 34 9.27 31.06 -11.12
C PHE K 34 10.71 30.55 -10.99
N ASP K 35 11.01 29.42 -11.65
CA ASP K 35 12.35 28.83 -11.64
C ASP K 35 13.35 29.87 -12.17
N GLY K 36 12.98 30.54 -13.26
CA GLY K 36 13.83 31.56 -13.84
C GLY K 36 14.08 32.72 -12.89
N ALA K 37 13.05 33.09 -12.13
CA ALA K 37 13.20 34.19 -11.17
C ALA K 37 14.15 33.82 -10.03
N LEU K 38 14.08 32.56 -9.58
CA LEU K 38 14.97 32.10 -8.51
C LEU K 38 16.40 32.06 -9.03
N LEU K 39 16.56 31.63 -10.28
CA LEU K 39 17.88 31.57 -10.89
C LEU K 39 18.46 32.98 -11.00
N ASN K 40 17.61 33.93 -11.38
CA ASN K 40 18.01 35.33 -11.53
C ASN K 40 18.42 35.91 -10.17
N ALA K 41 17.76 35.44 -9.11
CA ALA K 41 18.02 35.89 -7.74
C ALA K 41 19.26 35.23 -7.13
N GLY K 42 19.67 34.09 -7.69
CA GLY K 42 20.83 33.39 -7.19
C GLY K 42 20.57 32.17 -6.33
N ILE K 43 19.30 31.78 -6.20
CA ILE K 43 18.95 30.60 -5.39
C ILE K 43 18.15 29.58 -6.19
N GLY K 44 18.45 29.50 -7.49
CA GLY K 44 17.73 28.57 -8.35
C GLY K 44 18.07 27.10 -8.18
N ASN K 45 19.21 26.81 -7.57
CA ASN K 45 19.62 25.41 -7.41
C ASN K 45 19.54 24.85 -6.00
N VAL K 46 18.71 25.45 -5.16
CA VAL K 46 18.50 24.97 -3.80
C VAL K 46 17.01 24.81 -3.59
N ASN K 47 16.64 24.03 -2.58
CA ASN K 47 15.24 23.79 -2.27
C ASN K 47 14.76 24.83 -1.28
N LEU K 48 13.67 25.49 -1.59
CA LEU K 48 13.13 26.48 -0.66
C LEU K 48 12.06 25.87 0.22
N ILE K 49 12.25 25.98 1.53
CA ILE K 49 11.27 25.48 2.49
C ILE K 49 10.61 26.76 2.99
N ARG K 50 9.40 27.03 2.53
CA ARG K 50 8.72 28.25 2.92
C ARG K 50 8.40 28.36 4.41
N ILE K 51 8.87 29.43 5.04
CA ILE K 51 8.59 29.68 6.45
C ILE K 51 7.49 30.72 6.52
N SER K 52 6.63 30.61 7.54
CA SER K 52 5.52 31.53 7.69
C SER K 52 5.32 32.02 9.12
C PYR L 1 9.79 35.74 10.17
O PYR L 1 9.62 36.91 10.49
CA PYR L 1 9.10 35.19 9.08
O3 PYR L 1 8.32 35.92 8.47
CB PYR L 1 9.17 33.79 8.53
N ILE L 2 10.64 34.95 10.83
CA ILE L 2 11.39 35.44 11.97
C ILE L 2 12.89 35.20 11.86
N MET L 3 13.67 36.26 12.08
CA MET L 3 15.11 36.17 12.05
C MET L 3 15.51 35.89 13.50
N PRO L 4 16.12 34.73 13.78
CA PRO L 4 16.53 34.36 15.14
C PRO L 4 17.43 35.40 15.80
N PRO L 5 17.33 35.53 17.14
CA PRO L 5 18.17 36.50 17.85
C PRO L 5 19.64 36.20 17.59
N GLU L 6 20.47 37.24 17.54
CA GLU L 6 21.90 37.08 17.28
C GLU L 6 22.27 36.71 15.85
N ALA L 7 21.27 36.41 15.01
CA ALA L 7 21.53 36.07 13.61
C ALA L 7 21.97 37.36 12.92
N GLU L 8 22.69 37.23 11.80
CA GLU L 8 23.17 38.39 11.08
C GLU L 8 22.73 38.40 9.62
N ILE L 9 22.47 39.58 9.09
CA ILE L 9 22.11 39.71 7.68
C ILE L 9 23.46 39.66 6.96
N VAL L 10 23.59 38.72 6.03
CA VAL L 10 24.85 38.56 5.30
C VAL L 10 24.61 38.33 3.81
N PRO L 11 25.63 38.55 2.97
CA PRO L 11 25.46 38.33 1.53
C PRO L 11 25.17 36.85 1.36
N LEU L 12 24.47 36.49 0.30
CA LEU L 12 24.13 35.08 0.08
C LEU L 12 25.40 34.24 0.08
N PRO L 13 25.46 33.22 0.95
CA PRO L 13 26.64 32.36 1.02
C PRO L 13 26.62 31.36 -0.12
N LYS L 14 27.71 30.62 -0.29
CA LYS L 14 27.77 29.60 -1.33
C LYS L 14 27.01 28.41 -0.79
N LEU L 15 25.79 28.21 -1.28
CA LEU L 15 24.93 27.12 -0.83
C LEU L 15 25.13 25.84 -1.63
N PRO L 16 25.17 24.69 -0.95
CA PRO L 16 25.34 23.41 -1.63
C PRO L 16 24.07 23.19 -2.46
N MET L 17 24.22 22.70 -3.68
N MET L 17 24.21 22.72 -3.69
CA MET L 17 23.06 22.45 -4.53
CA MET L 17 23.04 22.48 -4.53
C MET L 17 22.10 21.46 -3.88
C MET L 17 22.11 21.46 -3.89
N GLY L 18 20.82 21.78 -3.89
CA GLY L 18 19.82 20.92 -3.30
C GLY L 18 19.57 21.13 -1.81
N ALA L 19 20.26 22.09 -1.20
CA ALA L 19 20.10 22.37 0.22
C ALA L 19 18.65 22.73 0.55
N LEU L 20 18.21 22.32 1.74
CA LEU L 20 16.85 22.60 2.20
C LEU L 20 16.95 23.92 2.97
N VAL L 21 16.71 25.01 2.25
CA VAL L 21 16.84 26.34 2.82
C VAL L 21 15.53 26.96 3.30
N PRO L 22 15.42 27.23 4.62
CA PRO L 22 14.21 27.84 5.19
C PRO L 22 14.16 29.25 4.60
N THR L 23 13.08 29.56 3.89
CA THR L 23 12.98 30.85 3.21
C THR L 23 11.61 31.53 3.28
N ALA L 24 11.63 32.82 3.59
CA ALA L 24 10.41 33.61 3.60
C ALA L 24 10.45 34.29 2.23
N TYR L 25 9.37 34.20 1.48
CA TYR L 25 9.39 34.83 0.16
C TYR L 25 8.03 35.26 -0.34
N GLY L 26 8.07 36.23 -1.25
CA GLY L 26 6.87 36.75 -1.88
C GLY L 26 7.11 36.65 -3.37
N TYR L 27 6.08 36.32 -4.13
CA TYR L 27 6.23 36.22 -5.58
C TYR L 27 4.89 36.48 -6.26
N ILE L 28 4.98 36.87 -7.53
CA ILE L 28 3.81 37.15 -8.33
C ILE L 28 4.11 36.76 -9.77
N ILE L 29 3.14 36.15 -10.41
CA ILE L 29 3.26 35.72 -11.79
C ILE L 29 2.13 36.33 -12.60
N SER L 30 2.46 36.84 -13.78
CA SER L 30 1.47 37.47 -14.65
C SER L 30 1.69 37.11 -16.12
N ASP L 31 0.59 36.91 -16.83
CA ASP L 31 0.65 36.58 -18.25
C ASP L 31 0.06 37.72 -19.10
N VAL L 32 -0.07 38.89 -18.48
CA VAL L 32 -0.60 40.07 -19.15
C VAL L 32 0.55 40.88 -19.72
N PRO L 33 0.67 40.95 -21.06
CA PRO L 33 1.75 41.71 -21.70
C PRO L 33 1.74 43.19 -21.29
N GLY L 34 2.92 43.70 -20.95
CA GLY L 34 3.05 45.09 -20.56
C GLY L 34 2.78 45.39 -19.09
N GLU L 35 2.24 44.42 -18.36
CA GLU L 35 1.94 44.62 -16.94
C GLU L 35 3.19 44.56 -16.09
N THR L 36 3.35 45.52 -15.17
CA THR L 36 4.49 45.56 -14.28
C THR L 36 4.13 44.93 -12.94
N ILE L 37 4.90 43.93 -12.55
CA ILE L 37 4.70 43.21 -11.30
C ILE L 37 5.94 43.35 -10.43
N SER L 38 5.74 43.38 -9.11
CA SER L 38 6.86 43.54 -8.20
C SER L 38 6.73 42.65 -6.97
N ALA L 39 7.87 42.42 -6.33
CA ALA L 39 7.94 41.63 -5.11
C ALA L 39 9.02 42.27 -4.23
N ALA L 40 8.79 42.24 -2.92
CA ALA L 40 9.75 42.83 -2.01
C ALA L 40 9.81 42.09 -0.69
N ILE L 41 10.94 42.22 -0.01
CA ILE L 41 11.17 41.57 1.26
C ILE L 41 11.83 42.59 2.20
N SER L 42 11.48 42.52 3.48
CA SER L 42 12.06 43.43 4.46
C SER L 42 12.31 42.67 5.76
N VAL L 43 13.25 43.17 6.54
CA VAL L 43 13.58 42.58 7.83
C VAL L 43 13.73 43.71 8.83
N ALA L 44 12.89 43.70 9.86
CA ALA L 44 12.95 44.70 10.92
C ALA L 44 13.94 44.16 11.96
N ILE L 45 15.00 44.90 12.21
CA ILE L 45 16.04 44.49 13.16
C ILE L 45 15.86 45.27 14.47
N PRO L 46 15.84 44.56 15.60
CA PRO L 46 15.67 45.21 16.91
C PRO L 46 16.96 45.79 17.49
N LYS L 47 16.81 46.84 18.29
CA LYS L 47 17.96 47.46 18.94
C LYS L 47 18.51 46.45 19.95
N ASP L 48 17.61 45.82 20.69
CA ASP L 48 17.98 44.81 21.67
C ASP L 48 18.25 43.50 20.91
N LYS L 49 19.52 43.11 20.89
CA LYS L 49 19.94 41.92 20.17
C LYS L 49 19.43 40.59 20.71
N SER L 50 18.80 40.60 21.88
CA SER L 50 18.25 39.39 22.46
C SER L 50 16.88 39.10 21.83
N LEU L 51 16.33 40.10 21.15
CA LEU L 51 15.04 39.96 20.48
C LEU L 51 15.26 39.49 19.05
N CYS L 52 14.21 39.00 18.41
CA CYS L 52 14.31 38.51 17.04
C CYS L 52 13.97 39.59 16.02
N GLY L 53 14.32 39.34 14.77
CA GLY L 53 14.00 40.26 13.69
C GLY L 53 12.70 39.78 13.07
N LEU L 54 11.98 40.68 12.41
CA LEU L 54 10.72 40.31 11.77
C LEU L 54 10.85 40.46 10.26
N ILE L 55 10.52 39.39 9.55
CA ILE L 55 10.60 39.37 8.11
C ILE L 55 9.22 39.52 7.49
N MET L 56 9.10 40.42 6.53
CA MET L 56 7.83 40.65 5.84
C MET L 56 8.05 40.52 4.34
N GLU L 57 7.02 40.07 3.63
CA GLU L 57 7.10 39.92 2.19
C GLU L 57 5.87 40.55 1.54
N TYR L 58 6.04 41.00 0.31
CA TYR L 58 4.96 41.63 -0.43
C TYR L 58 5.13 41.42 -1.91
N GLU L 59 4.00 41.39 -2.62
CA GLU L 59 4.01 41.24 -4.07
C GLU L 59 2.74 41.91 -4.59
N GLY L 60 2.79 42.38 -5.83
CA GLY L 60 1.62 43.01 -6.40
C GLY L 60 1.87 43.62 -7.75
N LYS L 61 0.79 44.08 -8.38
CA LYS L 61 0.86 44.72 -9.69
C LYS L 61 1.14 46.18 -9.44
N CYS L 62 2.39 46.47 -9.11
CA CYS L 62 2.83 47.84 -8.81
C CYS L 62 4.32 47.96 -9.11
N SER L 63 4.86 49.15 -8.92
CA SER L 63 6.27 49.41 -9.17
C SER L 63 7.15 48.89 -8.03
N LYS L 64 8.44 48.79 -8.31
CA LYS L 64 9.43 48.32 -7.34
C LYS L 64 9.45 49.24 -6.12
N LYS L 65 9.40 50.54 -6.35
CA LYS L 65 9.43 51.51 -5.25
C LYS L 65 8.23 51.39 -4.31
N GLU L 66 7.03 51.22 -4.88
CA GLU L 66 5.83 51.09 -4.06
C GLU L 66 5.84 49.77 -3.28
N ALA L 67 6.34 48.72 -3.91
CA ALA L 67 6.41 47.41 -3.23
C ALA L 67 7.35 47.50 -2.04
N GLU L 68 8.51 48.14 -2.24
CA GLU L 68 9.48 48.28 -1.15
C GLU L 68 8.93 49.18 -0.05
N LYS L 69 8.23 50.24 -0.43
CA LYS L 69 7.65 51.16 0.56
C LYS L 69 6.64 50.40 1.42
N THR L 70 5.81 49.59 0.76
CA THR L 70 4.78 48.82 1.44
C THR L 70 5.34 47.75 2.36
N VAL L 71 6.32 46.99 1.88
CA VAL L 71 6.91 45.93 2.71
C VAL L 71 7.70 46.48 3.90
N ARG L 72 8.28 47.66 3.75
CA ARG L 72 9.01 48.28 4.85
C ARG L 72 8.02 48.71 5.92
N GLU L 73 6.87 49.23 5.49
CA GLU L 73 5.83 49.66 6.40
C GLU L 73 5.28 48.48 7.19
N MET L 74 5.15 47.34 6.51
CA MET L 74 4.65 46.12 7.15
C MET L 74 5.56 45.65 8.28
N ALA L 75 6.88 45.78 8.09
CA ALA L 75 7.84 45.38 9.12
C ALA L 75 7.73 46.36 10.29
N LYS L 76 7.62 47.64 9.98
CA LYS L 76 7.48 48.68 10.99
C LYS L 76 6.25 48.41 11.86
N ILE L 77 5.14 48.09 11.20
CA ILE L 77 3.87 47.79 11.87
C ILE L 77 4.04 46.57 12.79
N GLY L 78 4.79 45.58 12.33
CA GLY L 78 5.03 44.38 13.12
C GLY L 78 5.73 44.69 14.43
N PHE L 79 6.71 45.59 14.39
CA PHE L 79 7.42 45.97 15.61
C PHE L 79 6.53 46.83 16.49
N GLU L 80 5.66 47.63 15.87
CA GLU L 80 4.73 48.48 16.62
C GLU L 80 3.74 47.61 17.37
N MET L 81 3.32 46.51 16.75
CA MET L 81 2.37 45.60 17.38
C MET L 81 3.00 44.92 18.59
N ARG L 82 4.30 44.64 18.51
CA ARG L 82 5.03 44.01 19.61
C ARG L 82 5.49 45.02 20.64
N GLY L 83 5.62 46.27 20.21
CA GLY L 83 6.08 47.32 21.10
C GLY L 83 7.58 47.25 21.31
N TRP L 84 8.30 46.76 20.30
CA TRP L 84 9.75 46.64 20.39
C TRP L 84 10.42 47.83 19.68
N GLU L 85 11.60 48.20 20.16
CA GLU L 85 12.34 49.30 19.56
C GLU L 85 13.04 48.83 18.28
N LEU L 86 12.76 49.56 17.21
CA LEU L 86 13.33 49.25 15.90
C LEU L 86 14.69 49.92 15.71
N ASP L 87 15.69 49.12 15.35
CA ASP L 87 17.03 49.63 15.08
C ASP L 87 17.06 50.10 13.63
N ARG L 88 16.67 49.21 12.72
CA ARG L 88 16.64 49.54 11.31
C ARG L 88 15.86 48.50 10.52
N ILE L 89 15.55 48.82 9.27
CA ILE L 89 14.84 47.91 8.39
C ILE L 89 15.65 47.77 7.12
N GLU L 90 16.00 46.53 6.78
CA GLU L 90 16.74 46.27 5.55
C GLU L 90 15.72 45.65 4.60
N SER L 91 15.73 46.12 3.36
CA SER L 91 14.78 45.62 2.38
C SER L 91 15.36 45.58 0.98
N ILE L 92 14.71 44.79 0.13
N ILE L 92 14.73 44.76 0.14
CA ILE L 92 15.12 44.66 -1.26
CA ILE L 92 15.13 44.59 -1.26
C ILE L 92 13.83 44.45 -2.04
C ILE L 92 13.84 44.40 -2.05
N ALA L 93 13.83 44.87 -3.29
CA ALA L 93 12.65 44.74 -4.14
C ALA L 93 13.07 44.57 -5.58
N VAL L 94 12.15 44.07 -6.39
CA VAL L 94 12.42 43.85 -7.80
C VAL L 94 11.11 44.02 -8.56
N GLU L 95 11.21 44.55 -9.77
CA GLU L 95 10.03 44.71 -10.62
C GLU L 95 10.30 44.04 -11.96
N HIS L 96 9.22 43.65 -12.63
CA HIS L 96 9.33 42.99 -13.92
C HIS L 96 8.18 43.42 -14.81
N THR L 97 8.50 43.80 -16.03
CA THR L 97 7.47 44.19 -17.00
C THR L 97 7.27 42.97 -17.90
N VAL L 98 6.10 42.37 -17.77
CA VAL L 98 5.75 41.17 -18.52
C VAL L 98 5.77 41.33 -20.04
N GLU L 99 6.42 40.39 -20.72
CA GLU L 99 6.48 40.40 -22.18
C GLU L 99 5.42 39.41 -22.65
N LYS L 100 5.41 38.23 -22.02
CA LYS L 100 4.44 37.18 -22.33
C LYS L 100 3.95 36.55 -21.03
N LEU L 101 4.89 36.14 -20.18
CA LEU L 101 4.59 35.53 -18.90
C LEU L 101 5.81 35.72 -18.01
N GLY L 102 5.66 36.52 -16.95
CA GLY L 102 6.78 36.77 -16.08
C GLY L 102 6.53 36.56 -14.60
N CYS L 103 7.62 36.54 -13.84
CA CYS L 103 7.56 36.35 -12.39
C CYS L 103 8.53 37.27 -11.67
N ALA L 104 8.04 37.89 -10.60
CA ALA L 104 8.87 38.76 -9.76
C ALA L 104 8.93 38.00 -8.43
N PHE L 105 10.13 37.93 -7.85
CA PHE L 105 10.36 37.17 -6.62
C PHE L 105 11.35 37.87 -5.69
N ALA L 106 11.06 37.81 -4.40
CA ALA L 106 11.91 38.39 -3.37
C ALA L 106 11.89 37.45 -2.18
N ALA L 107 13.06 37.25 -1.55
CA ALA L 107 13.15 36.32 -0.43
C ALA L 107 14.21 36.63 0.60
N ALA L 108 14.03 36.04 1.78
CA ALA L 108 14.94 36.15 2.90
C ALA L 108 15.29 34.69 3.17
N ALA L 109 16.51 34.29 2.82
CA ALA L 109 16.98 32.92 3.00
C ALA L 109 17.77 32.75 4.28
N LEU L 110 17.31 31.86 5.15
CA LEU L 110 17.98 31.60 6.42
C LEU L 110 19.01 30.50 6.25
N TRP L 111 20.20 30.71 6.79
CA TRP L 111 21.26 29.70 6.69
C TRP L 111 22.22 29.72 7.88
N TYR L 112 23.39 29.10 7.70
CA TYR L 112 24.38 28.98 8.76
C TYR L 112 25.76 29.49 8.37
N LYS L 113 26.44 30.12 9.34
CA LYS L 113 27.79 30.65 9.15
C LYS L 113 28.81 29.54 8.92
N AG2 M . 3.30 -15.41 -3.02
CA AG2 M . 4.29 -15.91 -4.01
CB AG2 M . 4.21 -15.08 -5.28
CG AG2 M . 5.17 -15.53 -6.36
CD AG2 M . 4.85 -16.93 -6.87
NE AG2 M . 3.48 -17.02 -7.38
CZ AG2 M . 3.03 -16.40 -8.47
NH1 AG2 M . 3.83 -15.62 -9.20
NH2 AG2 M . 1.76 -16.56 -8.83
C1 MRD N . -2.89 -25.65 10.78
C2 MRD N . -2.56 -26.57 9.63
O2 MRD N . -1.32 -27.22 9.90
CM MRD N . -3.54 -27.67 9.56
C3 MRD N . -2.57 -25.73 8.36
C4 MRD N . -3.86 -24.97 7.96
O4 MRD N . -4.91 -25.88 7.64
C5 MRD N . -3.60 -24.12 6.72
N AG2 O . -3.48 -34.28 -9.74
CA AG2 O . -4.02 -35.48 -9.03
CB AG2 O . -5.34 -35.91 -9.66
CG AG2 O . -5.97 -37.13 -8.99
CD AG2 O . -6.45 -36.83 -7.58
NE AG2 O . -7.44 -35.75 -7.55
CZ AG2 O . -8.71 -35.88 -7.93
NH1 AG2 O . -9.17 -37.05 -8.35
NH2 AG2 O . -9.52 -34.83 -7.88
C1 MRD P . 7.79 -21.91 -2.41
C2 MRD P . 6.91 -22.45 -1.32
O2 MRD P . 7.67 -23.30 -0.47
CM MRD P . 6.49 -21.34 -0.43
C3 MRD P . 5.70 -23.11 -1.97
C4 MRD P . 4.79 -22.29 -2.91
O4 MRD P . 4.28 -21.14 -2.26
C5 MRD P . 3.60 -23.13 -3.35
C1 MRD Q . -7.95 -51.12 -19.66
C2 MRD Q . -8.38 -49.93 -20.47
O2 MRD Q . -8.73 -50.39 -21.78
CM MRD Q . -9.64 -49.39 -19.90
C3 MRD Q . -7.27 -48.89 -20.45
C4 MRD Q . -6.77 -48.28 -19.11
O4 MRD Q . -5.81 -47.24 -19.36
C5 MRD Q . -6.07 -49.32 -18.25
N AG2 R . -10.44 -26.35 8.61
CA AG2 R . -10.33 -25.59 9.88
CB AG2 R . -9.76 -24.20 9.60
CG AG2 R . -9.89 -23.24 10.74
CD AG2 R . -9.33 -21.90 10.37
NE AG2 R . -9.88 -21.41 9.11
CZ AG2 R . -10.86 -20.51 9.01
NH1 AG2 R . -11.42 -20.02 10.11
NH2 AG2 R . -11.25 -20.09 7.82
C1 MRD S . -1.09 -36.87 -2.76
C2 MRD S . -0.34 -35.59 -2.49
O2 MRD S . 0.79 -35.89 -1.67
CM MRD S . 0.25 -35.07 -3.73
C3 MRD S . -1.32 -34.60 -1.88
C4 MRD S . -2.60 -34.20 -2.66
O4 MRD S . -2.26 -33.64 -3.93
C5 MRD S . -3.37 -33.14 -1.88
N AG2 T . 9.33 22.01 -8.65
CA AG2 T . 9.21 23.40 -9.16
CB AG2 T . 10.56 24.10 -9.10
CG AG2 T . 10.49 25.61 -9.34
CD AG2 T . 11.83 26.25 -9.09
NE AG2 T . 12.35 25.95 -7.76
CZ AG2 T . 13.65 25.98 -7.45
NH1 AG2 T . 14.57 26.27 -8.36
NH2 AG2 T . 14.03 25.72 -6.20
C1 MRD U . -6.20 20.67 0.15
C2 MRD U . -5.67 22.01 0.55
O2 MRD U . -6.44 23.03 -0.11
CM MRD U . -5.92 22.25 1.98
C3 MRD U . -4.19 22.03 0.24
C4 MRD U . -3.25 20.99 0.90
O4 MRD U . -3.13 21.22 2.29
C5 MRD U . -1.86 21.09 0.29
C1 MRD V . 21.41 22.59 -24.95
C2 MRD V . 21.84 21.58 -23.92
O2 MRD V . 22.85 20.76 -24.49
CM MRD V . 22.51 22.27 -22.80
C3 MRD V . 20.61 20.81 -23.45
C4 MRD V . 19.42 21.56 -22.80
O4 MRD V . 18.54 20.64 -22.15
C5 MRD V . 18.61 22.30 -23.86
N AG2 W . -3.80 18.71 6.40
CA AG2 W . -4.47 17.50 6.92
CB AG2 W . -3.87 16.25 6.30
CG AG2 W . -3.98 16.21 4.78
CD AG2 W . -3.26 15.01 4.22
NE AG2 W . -1.83 15.05 4.53
CZ AG2 W . -1.12 13.99 4.90
NH1 AG2 W . -1.70 12.80 5.01
NH2 AG2 W . 0.19 14.12 5.13
C1 MRD X . -1.32 36.14 5.18
C2 MRD X . -0.88 35.51 3.89
O2 MRD X . -1.87 35.72 2.90
CM MRD X . 0.32 36.20 3.38
C3 MRD X . -0.57 34.05 4.18
C4 MRD X . 0.49 33.67 5.24
O4 MRD X . 1.80 33.97 4.79
C5 MRD X . 0.44 32.17 5.54
N AG2 Y . 5.53 36.57 6.79
CA AG2 Y . 5.59 37.69 7.78
CB AG2 Y . 5.34 37.15 9.19
CG AG2 Y . 3.94 36.61 9.40
CD AG2 Y . 3.77 36.08 10.80
NE AG2 Y . 4.60 34.90 11.05
CZ AG2 Y . 5.24 34.67 12.20
NH1 AG2 Y . 5.15 35.54 13.19
NH2 AG2 Y . 5.94 33.56 12.35
C1 MRD Z . 4.75 28.81 -9.62
C2 MRD Z . 3.70 28.29 -8.69
O2 MRD Z . 2.44 28.86 -9.03
CM MRD Z . 3.51 26.85 -8.89
C3 MRD Z . 4.16 28.59 -7.27
C4 MRD Z . 5.51 28.04 -6.76
O4 MRD Z . 5.50 26.61 -6.70
C5 MRD Z . 5.78 28.55 -5.34
#